data_3OTI
#
_entry.id   3OTI
#
_cell.length_a   45.567
_cell.length_b   135.090
_cell.length_c   62.093
_cell.angle_alpha   90.000
_cell.angle_beta   95.750
_cell.angle_gamma   90.000
#
_symmetry.space_group_name_H-M   'P 1 21 1'
#
loop_
_entity.id
_entity.type
_entity.pdbx_description
1 polymer CalG3
2 non-polymer "THYMIDINE-5'-DIPHOSPHATE"
3 non-polymer 'Calicheamicin T0'
4 non-polymer 'CHLORIDE ION'
5 water water
#
_entity_poly.entity_id   1
_entity_poly.type   'polypeptide(L)'
_entity_poly.pdbx_seq_one_letter_code
;GHHHHHHHHHHSSGHIEGRHMRVLFVSSPGIGHLFPLIQLAWGFRTAGHDVLIAVAEHADRAAAAGLEVVDVAPDYSAVK
VFEQVAKDNPRFAETVATRPAIDLEEWGVQIAAVNRPLVDGTMALVDDYRPDLVVYEQGATVGLLAADRAGVPAVQRNQS
AWRTRGMHRSIASFLTDLMDKHQVSLPEPVATIESFPPSLLLEAEPEGWFMRWVPYGGGAVLGDRLPPVPARPEVAITMG
TIELQAFGIGAVEPIIAAAGEVDADFVLALGDLDISPLGTLPRNVRAVGWTPLHTLLRTCTAVVHHGGGGTVMTAIDAGI
PQLLAPDPRDQFQHTAREAVSRRGIGLVSTSDKVDADLLRRLIGDESLRTAAREVREEMVALPTPAETVRRIVERISG
;
_entity_poly.pdbx_strand_id   A,B
#
loop_
_chem_comp.id
_chem_comp.type
_chem_comp.name
_chem_comp.formula
C0T non-polymer 'Calicheamicin T0' 'C24 H28 N2 O9 S3'
CL non-polymer 'CHLORIDE ION' 'Cl -1'
TYD non-polymer THYMIDINE-5'-DIPHOSPHATE 'C10 H16 N2 O11 P2'
#
# COMPACT_ATOMS: atom_id res chain seq x y z
N ARG A 19 21.15 -11.43 -2.39
CA ARG A 19 20.38 -10.47 -3.18
C ARG A 19 19.13 -10.01 -2.44
N HIS A 20 18.46 -10.95 -1.77
CA HIS A 20 17.22 -10.62 -1.05
C HIS A 20 17.51 -9.89 0.27
N MET A 21 16.93 -8.72 0.49
CA MET A 21 17.32 -7.94 1.66
C MET A 21 16.20 -7.72 2.62
N ARG A 22 16.57 -7.43 3.87
CA ARG A 22 15.66 -6.80 4.81
C ARG A 22 15.95 -5.31 4.79
N VAL A 23 14.94 -4.49 4.49
CA VAL A 23 15.12 -3.05 4.41
C VAL A 23 14.28 -2.36 5.49
N LEU A 24 14.93 -1.54 6.32
CA LEU A 24 14.25 -0.78 7.36
C LEU A 24 14.07 0.67 6.92
N PHE A 25 12.83 1.15 6.94
CA PHE A 25 12.52 2.54 6.62
C PHE A 25 12.29 3.27 7.90
N VAL A 26 13.00 4.36 8.10
CA VAL A 26 12.92 5.07 9.36
C VAL A 26 12.41 6.49 9.15
N SER A 27 11.35 6.85 9.88
CA SER A 27 10.73 8.18 9.75
C SER A 27 10.57 8.88 11.08
N SER A 28 10.84 10.20 11.11
CA SER A 28 10.38 11.06 12.21
C SER A 28 8.86 11.00 12.33
N PRO A 29 8.32 11.39 13.51
CA PRO A 29 6.88 11.28 13.79
C PRO A 29 6.06 12.44 13.17
N GLY A 30 5.93 12.38 11.86
CA GLY A 30 5.15 13.34 11.11
C GLY A 30 4.67 12.66 9.85
N ILE A 31 3.44 12.96 9.44
CA ILE A 31 2.91 12.42 8.18
C ILE A 31 3.71 12.95 6.99
N GLY A 32 4.10 14.23 7.03
CA GLY A 32 4.93 14.79 5.98
C GLY A 32 6.32 14.16 5.94
N HIS A 33 6.78 13.63 7.07
CA HIS A 33 8.05 12.90 7.07
C HIS A 33 7.90 11.49 6.47
N LEU A 34 6.78 10.82 6.79
CA LEU A 34 6.56 9.42 6.51
C LEU A 34 6.13 9.19 5.07
N PHE A 35 5.19 9.99 4.57
CA PHE A 35 4.63 9.68 3.25
C PHE A 35 5.71 9.66 2.13
N PRO A 36 6.72 10.56 2.19
CA PRO A 36 7.73 10.54 1.13
C PRO A 36 8.58 9.27 1.12
N LEU A 37 8.41 8.35 2.08
CA LEU A 37 9.14 7.07 2.01
C LEU A 37 8.31 5.96 1.36
N ILE A 38 7.00 6.16 1.20
CA ILE A 38 6.10 5.05 0.87
C ILE A 38 6.33 4.48 -0.54
N GLN A 39 6.54 5.34 -1.55
CA GLN A 39 6.84 4.82 -2.89
C GLN A 39 8.10 3.97 -2.89
N LEU A 40 9.12 4.39 -2.13
CA LEU A 40 10.37 3.62 -2.09
C LEU A 40 10.12 2.33 -1.35
N ALA A 41 9.31 2.35 -0.29
CA ALA A 41 9.02 1.10 0.43
C ALA A 41 8.27 0.10 -0.45
N TRP A 42 7.26 0.57 -1.18
N TRP A 42 7.23 0.59 -1.15
CA TRP A 42 6.63 -0.34 -2.14
CA TRP A 42 6.59 -0.23 -2.16
C TRP A 42 7.53 -0.71 -3.33
C TRP A 42 7.60 -0.73 -3.20
N GLY A 43 8.47 0.17 -3.67
CA GLY A 43 9.45 -0.15 -4.70
C GLY A 43 10.29 -1.36 -4.22
N PHE A 44 10.77 -1.31 -2.98
CA PHE A 44 11.58 -2.42 -2.47
C PHE A 44 10.74 -3.69 -2.30
N ARG A 45 9.49 -3.55 -1.87
CA ARG A 45 8.64 -4.73 -1.67
C ARG A 45 8.32 -5.42 -3.01
N THR A 46 8.00 -4.64 -4.04
CA THR A 46 7.68 -5.24 -5.34
C THR A 46 8.93 -5.78 -6.05
N ALA A 47 10.11 -5.40 -5.56
CA ALA A 47 11.36 -5.99 -6.04
C ALA A 47 11.74 -7.19 -5.18
N GLY A 48 10.80 -7.64 -4.36
CA GLY A 48 11.00 -8.91 -3.66
C GLY A 48 11.59 -8.84 -2.27
N HIS A 49 11.89 -7.64 -1.79
CA HIS A 49 12.56 -7.53 -0.51
C HIS A 49 11.60 -7.48 0.66
N ASP A 50 12.08 -7.80 1.85
N ASP A 50 12.11 -7.81 1.85
CA ASP A 50 11.29 -7.59 3.06
CA ASP A 50 11.39 -7.64 3.11
C ASP A 50 11.43 -6.13 3.46
C ASP A 50 11.49 -6.16 3.47
N VAL A 51 10.31 -5.52 3.83
N VAL A 51 10.36 -5.55 3.82
CA VAL A 51 10.30 -4.11 4.19
CA VAL A 51 10.36 -4.14 4.20
C VAL A 51 9.58 -3.93 5.51
C VAL A 51 9.62 -3.96 5.52
N LEU A 52 10.13 -3.06 6.36
CA LEU A 52 9.52 -2.75 7.64
C LEU A 52 9.67 -1.26 7.90
N ILE A 53 8.62 -0.60 8.39
CA ILE A 53 8.69 0.83 8.74
C ILE A 53 8.84 1.01 10.26
N ALA A 54 9.75 1.89 10.67
CA ALA A 54 9.84 2.37 12.04
C ALA A 54 9.37 3.83 12.08
N VAL A 55 8.36 4.10 12.89
CA VAL A 55 7.88 5.48 13.04
C VAL A 55 7.20 5.57 14.40
N ALA A 56 6.83 6.77 14.82
CA ALA A 56 5.99 6.91 16.00
C ALA A 56 4.81 7.83 15.67
N GLU A 57 3.82 7.85 16.55
CA GLU A 57 2.60 8.68 16.45
C GLU A 57 1.65 8.31 15.29
N HIS A 58 2.21 7.96 14.15
CA HIS A 58 1.40 7.71 12.94
C HIS A 58 1.54 6.27 12.44
N ALA A 59 1.78 5.33 13.34
CA ALA A 59 1.99 3.97 12.86
C ALA A 59 0.75 3.43 12.12
N ASP A 60 -0.45 3.81 12.55
CA ASP A 60 -1.67 3.30 11.89
C ASP A 60 -1.74 3.80 10.43
N ARG A 61 -1.30 5.02 10.16
CA ARG A 61 -1.28 5.52 8.78
C ARG A 61 -0.29 4.76 7.96
N ALA A 62 0.85 4.39 8.55
CA ALA A 62 1.79 3.60 7.79
C ALA A 62 1.20 2.23 7.46
N ALA A 63 0.49 1.62 8.43
CA ALA A 63 -0.17 0.34 8.19
C ALA A 63 -1.22 0.45 7.09
N ALA A 64 -1.85 1.63 6.97
CA ALA A 64 -2.88 1.83 5.94
C ALA A 64 -2.32 2.01 4.53
N ALA A 65 -0.97 1.98 4.42
CA ALA A 65 -0.33 1.91 3.11
C ALA A 65 -0.05 0.45 2.73
N GLY A 66 -0.54 -0.50 3.54
CA GLY A 66 -0.41 -1.91 3.18
C GLY A 66 0.89 -2.50 3.69
N LEU A 67 1.58 -1.80 4.59
CA LEU A 67 2.91 -2.22 5.04
C LEU A 67 2.99 -2.56 6.52
N GLU A 68 4.06 -3.25 6.91
CA GLU A 68 4.24 -3.61 8.32
C GLU A 68 5.03 -2.52 9.01
N VAL A 69 4.66 -2.24 10.25
CA VAL A 69 5.19 -1.09 10.98
C VAL A 69 5.50 -1.49 12.42
N VAL A 70 6.58 -0.95 12.99
CA VAL A 70 6.81 -1.04 14.44
C VAL A 70 6.75 0.37 14.99
N ASP A 71 5.94 0.59 16.03
CA ASP A 71 5.87 1.91 16.64
C ASP A 71 7.01 2.01 17.65
N VAL A 72 8.05 2.76 17.31
CA VAL A 72 9.25 2.79 18.14
C VAL A 72 9.17 3.74 19.32
N ALA A 73 8.03 4.42 19.49
CA ALA A 73 7.83 5.27 20.67
C ALA A 73 6.34 5.40 21.00
N PRO A 74 5.76 4.39 21.65
CA PRO A 74 4.31 4.45 21.91
C PRO A 74 3.91 5.70 22.71
N ASP A 75 2.74 6.27 22.39
CA ASP A 75 2.24 7.44 23.10
C ASP A 75 2.96 8.76 22.79
N TYR A 76 3.90 8.75 21.84
CA TYR A 76 4.55 9.97 21.36
C TYR A 76 3.56 11.04 20.91
N SER A 77 3.84 12.30 21.24
CA SER A 77 3.08 13.44 20.72
C SER A 77 4.03 14.54 20.28
N ALA A 78 4.05 14.81 18.99
CA ALA A 78 4.97 15.82 18.49
C ALA A 78 4.68 17.17 19.09
N VAL A 79 3.40 17.50 19.21
CA VAL A 79 3.04 18.82 19.71
C VAL A 79 3.52 18.98 21.16
N LYS A 80 3.48 17.90 21.94
CA LYS A 80 4.01 17.97 23.31
C LYS A 80 5.52 18.12 23.32
N VAL A 81 6.21 17.47 22.39
CA VAL A 81 7.65 17.66 22.30
C VAL A 81 7.97 19.13 21.99
N PHE A 82 7.25 19.73 21.05
CA PHE A 82 7.49 21.13 20.65
C PHE A 82 7.32 22.06 21.85
N GLU A 83 6.28 21.83 22.62
CA GLU A 83 5.99 22.65 23.80
C GLU A 83 7.12 22.53 24.81
N GLN A 84 7.64 21.32 25.00
CA GLN A 84 8.69 21.06 25.97
C GLN A 84 9.99 21.76 25.55
N VAL A 85 10.29 21.74 24.26
CA VAL A 85 11.43 22.49 23.72
C VAL A 85 11.36 23.99 23.97
N ALA A 86 10.23 24.61 23.64
CA ALA A 86 10.08 26.03 23.88
C ALA A 86 10.26 26.37 25.36
N LYS A 87 9.64 25.58 26.24
CA LYS A 87 9.72 25.83 27.69
C LYS A 87 11.15 25.69 28.19
N ASP A 88 11.84 24.70 27.67
CA ASP A 88 13.20 24.36 28.11
C ASP A 88 14.33 25.20 27.48
N ASN A 89 14.02 25.99 26.45
CA ASN A 89 15.04 26.71 25.69
C ASN A 89 14.51 28.09 25.33
N PRO A 90 14.30 28.94 26.36
CA PRO A 90 13.59 30.20 26.16
C PRO A 90 14.42 31.15 25.32
N ARG A 91 15.74 31.02 25.38
CA ARG A 91 16.60 31.92 24.59
C ARG A 91 16.47 31.58 23.12
N PHE A 92 16.68 30.31 22.81
CA PHE A 92 16.43 29.77 21.46
C PHE A 92 15.06 30.20 20.96
N ALA A 93 14.04 29.99 21.78
CA ALA A 93 12.68 30.35 21.42
C ALA A 93 12.49 31.81 21.03
N GLU A 94 13.22 32.70 21.71
CA GLU A 94 12.99 34.14 21.55
C GLU A 94 13.92 34.75 20.51
N THR A 95 14.77 33.90 19.93
CA THR A 95 15.79 34.32 18.99
C THR A 95 15.75 33.54 17.65
N VAL A 96 16.51 32.44 17.61
CA VAL A 96 16.57 31.60 16.42
C VAL A 96 15.17 31.23 15.94
N ALA A 97 14.27 30.91 16.87
CA ALA A 97 12.94 30.47 16.51
C ALA A 97 12.02 31.58 16.05
N THR A 98 12.50 32.84 16.03
CA THR A 98 11.73 33.95 15.46
C THR A 98 12.03 34.15 13.96
N ARG A 99 12.92 33.32 13.42
CA ARG A 99 13.26 33.36 12.00
C ARG A 99 13.07 32.00 11.35
N PRO A 100 12.97 32.00 10.00
CA PRO A 100 12.73 30.73 9.28
C PRO A 100 13.82 29.70 9.51
N ALA A 101 13.41 28.44 9.48
CA ALA A 101 14.34 27.34 9.66
C ALA A 101 14.94 27.00 8.31
N ILE A 102 16.13 27.53 8.03
CA ILE A 102 16.75 27.34 6.72
C ILE A 102 18.00 26.53 6.84
N ASP A 103 18.87 26.92 7.78
CA ASP A 103 20.09 26.17 8.07
C ASP A 103 19.81 25.31 9.30
N LEU A 104 19.48 24.04 9.07
CA LEU A 104 18.97 23.20 10.15
C LEU A 104 20.04 22.85 11.20
N GLU A 105 21.31 23.04 10.86
CA GLU A 105 22.36 23.03 11.88
C GLU A 105 21.95 23.90 13.08
N GLU A 106 21.37 25.08 12.83
CA GLU A 106 20.97 25.95 13.93
C GLU A 106 19.80 25.44 14.76
N TRP A 107 19.08 24.45 14.21
CA TRP A 107 17.88 23.90 14.82
C TRP A 107 18.11 22.52 15.44
N GLY A 108 19.37 22.16 15.64
CA GLY A 108 19.71 20.86 16.20
C GLY A 108 18.98 20.56 17.49
N VAL A 109 18.83 21.56 18.36
CA VAL A 109 18.21 21.33 19.66
C VAL A 109 16.76 20.87 19.52
N GLN A 110 16.07 21.42 18.53
CA GLN A 110 14.66 21.14 18.31
C GLN A 110 14.51 19.77 17.65
N ILE A 111 15.27 19.55 16.60
CA ILE A 111 15.17 18.29 15.87
C ILE A 111 15.68 17.11 16.72
N ALA A 112 16.71 17.34 17.52
CA ALA A 112 17.14 16.28 18.45
C ALA A 112 16.06 15.91 19.46
N ALA A 113 15.32 16.90 19.94
CA ALA A 113 14.24 16.63 20.91
C ALA A 113 13.19 15.73 20.27
N VAL A 114 12.96 15.95 18.99
CA VAL A 114 11.99 15.15 18.24
C VAL A 114 12.48 13.71 18.08
N ASN A 115 13.76 13.54 17.75
CA ASN A 115 14.35 12.22 17.51
C ASN A 115 14.60 11.42 18.80
N ARG A 116 14.92 12.10 19.91
CA ARG A 116 15.36 11.44 21.16
C ARG A 116 14.48 10.24 21.62
N PRO A 117 13.15 10.45 21.70
CA PRO A 117 12.32 9.35 22.22
C PRO A 117 12.23 8.15 21.28
N LEU A 118 12.70 8.26 20.04
CA LEU A 118 12.65 7.14 19.11
C LEU A 118 13.88 6.26 19.18
N VAL A 119 14.91 6.74 19.87
CA VAL A 119 16.19 6.05 19.77
C VAL A 119 16.22 4.64 20.37
N ASP A 120 15.74 4.51 21.58
CA ASP A 120 15.85 3.22 22.29
C ASP A 120 15.07 2.12 21.54
N GLY A 121 13.83 2.46 21.15
CA GLY A 121 13.00 1.53 20.40
C GLY A 121 13.53 1.17 19.03
N THR A 122 14.16 2.15 18.35
CA THR A 122 14.74 1.89 17.02
C THR A 122 15.97 1.00 17.12
N MET A 123 16.79 1.21 18.16
CA MET A 123 18.01 0.42 18.32
C MET A 123 17.65 -1.04 18.63
N ALA A 124 16.67 -1.22 19.50
CA ALA A 124 16.18 -2.58 19.77
C ALA A 124 15.67 -3.22 18.48
N LEU A 125 14.95 -2.43 17.66
CA LEU A 125 14.40 -3.00 16.44
C LEU A 125 15.49 -3.43 15.46
N VAL A 126 16.56 -2.65 15.35
N VAL A 126 16.55 -2.63 15.37
CA VAL A 126 17.62 -3.05 14.43
CA VAL A 126 17.65 -2.98 14.51
C VAL A 126 18.32 -4.33 14.91
C VAL A 126 18.28 -4.31 14.92
N ASP A 127 18.45 -4.49 16.22
CA ASP A 127 19.03 -5.72 16.76
C ASP A 127 18.14 -6.92 16.43
N ASP A 128 16.82 -6.74 16.50
CA ASP A 128 15.85 -7.84 16.31
C ASP A 128 15.62 -8.14 14.83
N TYR A 129 15.54 -7.08 14.03
CA TYR A 129 15.18 -7.23 12.60
C TYR A 129 16.39 -7.51 11.70
N ARG A 130 17.54 -6.97 12.08
CA ARG A 130 18.78 -7.20 11.34
C ARG A 130 18.67 -6.73 9.89
N PRO A 131 18.37 -5.43 9.71
CA PRO A 131 18.28 -4.96 8.31
C PRO A 131 19.60 -5.02 7.55
N ASP A 132 19.52 -5.19 6.24
CA ASP A 132 20.66 -5.08 5.31
C ASP A 132 20.85 -3.68 4.74
N LEU A 133 19.83 -2.84 4.92
CA LEU A 133 19.83 -1.49 4.36
C LEU A 133 18.89 -0.65 5.20
N VAL A 134 19.24 0.62 5.48
CA VAL A 134 18.31 1.54 6.13
C VAL A 134 18.01 2.67 5.14
N VAL A 135 16.72 2.94 4.88
CA VAL A 135 16.34 4.13 4.14
C VAL A 135 15.67 5.07 5.12
N TYR A 136 16.15 6.30 5.24
CA TYR A 136 15.58 7.18 6.25
C TYR A 136 15.27 8.53 5.62
N GLU A 137 14.27 9.20 6.16
CA GLU A 137 13.97 10.53 5.65
C GLU A 137 14.85 11.56 6.36
N GLN A 138 15.07 12.70 5.71
CA GLN A 138 16.13 13.65 6.07
C GLN A 138 16.05 14.14 7.52
N GLY A 139 14.83 14.22 8.08
CA GLY A 139 14.64 14.63 9.48
C GLY A 139 15.08 13.61 10.52
N ALA A 140 15.26 12.36 10.11
CA ALA A 140 15.40 11.27 11.06
C ALA A 140 16.85 10.85 11.27
N THR A 141 17.59 11.69 12.01
CA THR A 141 18.96 11.35 12.39
C THR A 141 18.99 9.97 13.04
N VAL A 142 17.91 9.58 13.72
CA VAL A 142 17.88 8.25 14.33
C VAL A 142 18.08 7.13 13.29
N GLY A 143 17.64 7.35 12.07
CA GLY A 143 17.94 6.41 11.00
C GLY A 143 19.41 6.20 10.67
N LEU A 144 20.21 7.26 10.75
CA LEU A 144 21.64 7.12 10.52
C LEU A 144 22.24 6.35 11.68
N LEU A 145 21.75 6.63 12.88
CA LEU A 145 22.24 5.90 14.06
C LEU A 145 21.87 4.43 13.95
N ALA A 146 20.67 4.13 13.44
CA ALA A 146 20.22 2.76 13.24
C ALA A 146 21.14 2.02 12.25
N ALA A 147 21.49 2.71 11.16
CA ALA A 147 22.37 2.11 10.16
C ALA A 147 23.73 1.81 10.77
N ASP A 148 24.22 2.70 11.64
CA ASP A 148 25.52 2.43 12.26
C ASP A 148 25.43 1.25 13.25
N ARG A 149 24.34 1.19 14.01
CA ARG A 149 24.12 0.03 14.89
C ARG A 149 24.15 -1.28 14.11
N ALA A 150 23.49 -1.33 12.98
CA ALA A 150 23.41 -2.58 12.20
C ALA A 150 24.65 -2.82 11.39
N GLY A 151 25.43 -1.77 11.18
CA GLY A 151 26.60 -1.84 10.31
C GLY A 151 26.31 -1.92 8.83
N VAL A 152 25.30 -1.18 8.38
CA VAL A 152 24.83 -1.31 6.99
C VAL A 152 24.68 0.06 6.36
N PRO A 153 24.59 0.10 5.02
CA PRO A 153 24.43 1.38 4.32
C PRO A 153 23.12 2.06 4.62
N ALA A 154 23.15 3.39 4.55
CA ALA A 154 21.99 4.24 4.79
C ALA A 154 21.74 5.09 3.55
N VAL A 155 20.47 5.23 3.16
CA VAL A 155 20.12 6.10 2.04
C VAL A 155 19.17 7.16 2.56
N GLN A 156 19.46 8.41 2.25
CA GLN A 156 18.68 9.54 2.79
C GLN A 156 17.65 10.02 1.74
N ARG A 157 16.41 10.23 2.19
CA ARG A 157 15.37 10.75 1.32
C ARG A 157 15.06 12.19 1.76
N ASN A 158 15.36 13.16 0.89
CA ASN A 158 15.27 14.57 1.29
C ASN A 158 13.83 15.08 1.33
N GLN A 159 13.66 16.20 2.01
CA GLN A 159 12.36 16.86 2.22
C GLN A 159 12.48 18.32 1.76
N SER A 160 11.45 18.81 1.08
CA SER A 160 11.46 20.20 0.56
C SER A 160 12.79 20.56 -0.07
N ALA A 161 13.35 21.73 0.26
CA ALA A 161 14.64 22.09 -0.35
C ALA A 161 15.76 22.26 0.67
N TRP A 162 15.56 21.77 1.89
CA TRP A 162 16.60 21.87 2.92
C TRP A 162 17.90 21.24 2.47
N ARG A 163 19.01 21.96 2.67
CA ARG A 163 20.31 21.39 2.42
C ARG A 163 20.80 20.75 3.71
N THR A 164 21.38 19.56 3.60
CA THR A 164 21.77 18.78 4.77
C THR A 164 22.92 19.44 5.51
N ARG A 165 23.98 19.72 4.78
CA ARG A 165 25.22 20.22 5.39
C ARG A 165 25.51 19.48 6.70
N GLY A 166 25.73 20.21 7.80
CA GLY A 166 26.11 19.54 9.05
C GLY A 166 24.95 19.28 9.97
N MET A 167 23.73 19.20 9.44
CA MET A 167 22.56 19.14 10.31
C MET A 167 22.61 17.91 11.22
N HIS A 168 23.07 16.78 10.69
CA HIS A 168 23.03 15.56 11.48
C HIS A 168 24.07 15.59 12.59
N ARG A 169 25.22 16.19 12.30
CA ARG A 169 26.21 16.38 13.36
C ARG A 169 25.69 17.28 14.46
N SER A 170 24.98 18.34 14.09
N SER A 170 24.99 18.34 14.08
CA SER A 170 24.39 19.23 15.07
CA SER A 170 24.38 19.22 15.07
C SER A 170 23.31 18.52 15.91
C SER A 170 23.36 18.45 15.91
N ILE A 171 22.47 17.72 15.25
CA ILE A 171 21.42 17.01 15.95
C ILE A 171 22.07 16.00 16.92
N ALA A 172 23.07 15.29 16.41
CA ALA A 172 23.72 14.23 17.19
C ALA A 172 24.43 14.80 18.40
N SER A 173 24.79 16.08 18.33
CA SER A 173 25.52 16.67 19.45
C SER A 173 24.64 16.73 20.71
N PHE A 174 23.33 16.56 20.53
CA PHE A 174 22.42 16.56 21.67
C PHE A 174 21.97 15.16 22.06
N LEU A 175 22.45 14.14 21.34
CA LEU A 175 22.08 12.74 21.58
C LEU A 175 23.30 11.89 21.99
N THR A 176 24.36 12.59 22.42
CA THR A 176 25.66 11.98 22.70
C THR A 176 25.60 10.83 23.71
N ASP A 177 24.79 11.05 24.75
CA ASP A 177 24.58 10.10 25.84
C ASP A 177 24.05 8.78 25.29
N LEU A 178 23.06 8.90 24.42
CA LEU A 178 22.41 7.73 23.81
C LEU A 178 23.32 7.02 22.82
N MET A 179 24.13 7.79 22.09
CA MET A 179 25.03 7.19 21.13
C MET A 179 26.12 6.34 21.82
N ASP A 180 26.59 6.83 22.96
CA ASP A 180 27.56 6.12 23.78
C ASP A 180 26.98 4.78 24.26
N LYS A 181 25.80 4.87 24.86
CA LYS A 181 25.06 3.69 25.34
C LYS A 181 24.78 2.61 24.29
N HIS A 182 24.52 3.01 23.04
CA HIS A 182 24.23 2.07 21.98
C HIS A 182 25.44 1.80 21.10
N GLN A 183 26.62 2.29 21.54
CA GLN A 183 27.89 2.07 20.82
C GLN A 183 27.83 2.47 19.35
N VAL A 184 27.32 3.67 19.07
CA VAL A 184 27.19 4.09 17.66
C VAL A 184 27.84 5.43 17.39
N SER A 185 28.34 5.57 16.17
CA SER A 185 28.81 6.85 15.64
C SER A 185 27.83 7.26 14.54
N LEU A 186 27.97 8.48 14.04
CA LEU A 186 27.14 8.97 12.96
C LEU A 186 27.84 8.69 11.64
N PRO A 187 27.26 7.84 10.76
CA PRO A 187 27.82 7.58 9.43
C PRO A 187 27.29 8.61 8.42
N GLU A 188 27.86 8.60 7.22
CA GLU A 188 27.31 9.33 6.08
C GLU A 188 26.47 8.39 5.26
N PRO A 189 25.37 8.90 4.71
CA PRO A 189 24.59 8.05 3.81
C PRO A 189 25.40 7.70 2.56
N VAL A 190 25.12 6.55 1.97
CA VAL A 190 25.75 6.16 0.69
C VAL A 190 25.11 6.78 -0.56
N ALA A 191 23.86 7.24 -0.44
CA ALA A 191 23.14 7.91 -1.53
C ALA A 191 22.12 8.86 -0.88
N THR A 192 21.76 9.93 -1.57
CA THR A 192 20.72 10.85 -1.11
C THR A 192 19.77 11.05 -2.27
N ILE A 193 18.49 11.20 -1.98
CA ILE A 193 17.49 11.33 -3.05
C ILE A 193 16.76 12.64 -2.85
N GLU A 194 16.84 13.53 -3.84
CA GLU A 194 16.18 14.84 -3.72
C GLU A 194 14.67 14.66 -3.77
N SER A 195 13.97 15.67 -3.23
CA SER A 195 12.50 15.69 -3.31
C SER A 195 12.02 16.54 -4.48
N PHE A 196 12.55 17.73 -4.59
CA PHE A 196 12.15 18.69 -5.61
C PHE A 196 12.83 18.43 -6.96
N PRO A 197 12.22 18.87 -8.07
CA PRO A 197 12.87 18.78 -9.37
C PRO A 197 13.97 19.87 -9.49
N PRO A 198 14.89 19.69 -10.44
CA PRO A 198 16.07 20.56 -10.51
C PRO A 198 15.74 22.06 -10.54
N SER A 199 14.71 22.46 -11.25
CA SER A 199 14.44 23.89 -11.41
C SER A 199 14.06 24.51 -10.06
N LEU A 200 13.53 23.71 -9.13
CA LEU A 200 13.09 24.29 -7.85
C LEU A 200 14.17 24.27 -6.78
N LEU A 201 15.39 23.85 -7.13
CA LEU A 201 16.53 24.01 -6.22
C LEU A 201 17.33 25.31 -6.51
N LEU A 202 16.90 26.02 -7.56
CA LEU A 202 17.54 27.28 -7.93
C LEU A 202 19.03 27.06 -8.13
N GLU A 203 19.85 27.79 -7.38
CA GLU A 203 21.30 27.68 -7.54
C GLU A 203 21.96 26.78 -6.51
N ALA A 204 21.14 26.19 -5.63
CA ALA A 204 21.67 25.34 -4.56
C ALA A 204 22.18 24.03 -5.17
N GLU A 205 23.32 23.55 -4.70
CA GLU A 205 23.87 22.34 -5.30
C GLU A 205 23.05 21.10 -4.92
N PRO A 206 22.69 20.30 -5.92
CA PRO A 206 21.98 19.06 -5.57
C PRO A 206 22.85 18.12 -4.74
N GLU A 207 22.21 17.32 -3.89
CA GLU A 207 22.90 16.41 -2.97
C GLU A 207 23.01 14.99 -3.41
N GLY A 208 22.27 14.63 -4.43
CA GLY A 208 22.30 13.25 -4.87
C GLY A 208 21.36 13.15 -6.05
N TRP A 209 20.66 12.03 -6.11
CA TRP A 209 19.85 11.74 -7.28
C TRP A 209 18.52 12.47 -7.24
N PHE A 210 18.04 12.87 -8.40
CA PHE A 210 16.65 13.36 -8.53
C PHE A 210 15.72 12.16 -8.72
N MET A 211 14.49 12.27 -8.23
CA MET A 211 13.49 11.21 -8.35
C MET A 211 12.12 11.83 -8.59
N ARG A 212 11.37 11.25 -9.51
CA ARG A 212 9.99 11.69 -9.75
C ARG A 212 9.17 11.61 -8.46
N TRP A 213 8.34 12.63 -8.21
CA TRP A 213 7.37 12.63 -7.11
C TRP A 213 6.10 11.96 -7.61
N VAL A 214 5.82 10.81 -7.03
CA VAL A 214 4.58 10.07 -7.29
C VAL A 214 3.75 10.24 -6.00
N PRO A 215 2.70 11.08 -6.03
CA PRO A 215 1.98 11.40 -4.78
C PRO A 215 1.45 10.17 -4.05
N TYR A 216 1.60 10.18 -2.73
CA TYR A 216 0.98 9.18 -1.87
C TYR A 216 0.33 9.90 -0.70
N GLY A 217 -0.97 9.63 -0.50
CA GLY A 217 -1.70 10.28 0.60
C GLY A 217 -2.66 9.28 1.26
N GLY A 218 -2.51 7.98 0.96
CA GLY A 218 -3.44 6.96 1.45
C GLY A 218 -4.33 6.38 0.35
N GLY A 219 -5.02 5.29 0.67
CA GLY A 219 -5.94 4.72 -0.30
C GLY A 219 -7.30 5.36 -0.08
N ALA A 220 -8.24 5.07 -0.98
CA ALA A 220 -9.57 5.61 -0.84
C ALA A 220 -10.54 4.84 -1.71
N VAL A 221 -11.73 4.64 -1.17
CA VAL A 221 -12.84 4.16 -1.99
C VAL A 221 -13.49 5.45 -2.54
N LEU A 222 -13.41 5.63 -3.86
CA LEU A 222 -13.90 6.87 -4.47
C LEU A 222 -15.43 6.89 -4.56
N GLY A 223 -16.06 5.73 -4.43
CA GLY A 223 -17.51 5.60 -4.51
C GLY A 223 -17.85 4.56 -5.57
N ASP A 224 -19.05 4.65 -6.17
CA ASP A 224 -19.45 3.71 -7.23
C ASP A 224 -19.11 4.15 -8.65
N ARG A 225 -18.45 5.30 -8.77
CA ARG A 225 -18.05 5.83 -10.06
C ARG A 225 -16.86 6.74 -9.91
N LEU A 226 -16.17 7.06 -10.99
CA LEU A 226 -15.10 8.04 -10.90
C LEU A 226 -15.75 9.45 -10.88
N PRO A 227 -15.51 10.24 -9.82
CA PRO A 227 -16.08 11.60 -9.74
C PRO A 227 -15.66 12.45 -10.95
N PRO A 228 -16.61 13.17 -11.56
CA PRO A 228 -16.25 13.99 -12.71
C PRO A 228 -15.64 15.33 -12.29
N VAL A 229 -14.89 15.98 -13.17
CA VAL A 229 -14.44 17.35 -12.94
C VAL A 229 -15.69 18.26 -12.92
N PRO A 230 -15.79 19.13 -11.91
CA PRO A 230 -16.97 20.00 -11.82
C PRO A 230 -17.04 21.05 -12.93
N ALA A 231 -18.24 21.55 -13.21
CA ALA A 231 -18.41 22.60 -14.22
C ALA A 231 -17.74 23.91 -13.78
N ARG A 232 -17.89 24.27 -12.50
CA ARG A 232 -17.20 25.43 -11.91
C ARG A 232 -15.84 25.05 -11.34
N PRO A 233 -14.82 25.90 -11.53
CA PRO A 233 -13.47 25.64 -10.99
C PRO A 233 -13.49 25.48 -9.47
N GLU A 234 -12.74 24.52 -8.94
CA GLU A 234 -12.67 24.37 -7.48
C GLU A 234 -11.23 24.61 -7.01
N VAL A 235 -11.08 25.36 -5.94
CA VAL A 235 -9.75 25.65 -5.38
C VAL A 235 -9.65 24.93 -4.03
N ALA A 236 -8.59 24.14 -3.83
CA ALA A 236 -8.42 23.44 -2.56
C ALA A 236 -7.72 24.32 -1.53
N ILE A 237 -8.06 24.14 -0.26
CA ILE A 237 -7.37 24.81 0.84
C ILE A 237 -6.93 23.70 1.80
N THR A 238 -5.63 23.55 2.00
CA THR A 238 -5.13 22.47 2.86
C THR A 238 -3.89 22.98 3.58
N MET A 239 -3.68 22.55 4.83
CA MET A 239 -2.54 23.08 5.58
C MET A 239 -1.67 21.98 6.17
N GLY A 240 -1.58 20.86 5.46
CA GLY A 240 -0.75 19.75 5.93
C GLY A 240 -1.28 19.09 7.18
N THR A 241 -0.37 18.59 7.98
CA THR A 241 -0.71 17.68 9.06
C THR A 241 -0.07 18.09 10.39
N ILE A 242 0.57 19.25 10.45
CA ILE A 242 1.18 19.65 11.72
C ILE A 242 0.98 21.14 12.08
N GLU A 243 0.87 22.02 11.08
CA GLU A 243 0.85 23.46 11.40
C GLU A 243 -0.34 23.85 12.28
N LEU A 244 -1.54 23.44 11.91
CA LEU A 244 -2.71 23.87 12.67
C LEU A 244 -2.80 23.06 13.96
N GLN A 245 -2.26 21.84 13.94
CA GLN A 245 -2.15 21.08 15.17
C GLN A 245 -1.25 21.79 16.19
N ALA A 246 -0.15 22.41 15.72
CA ALA A 246 0.82 23.04 16.64
C ALA A 246 0.44 24.47 17.02
N PHE A 247 -0.16 25.21 16.09
CA PHE A 247 -0.40 26.64 16.27
C PHE A 247 -1.87 26.97 16.47
N GLY A 248 -2.74 25.99 16.25
CA GLY A 248 -4.17 26.21 16.33
C GLY A 248 -4.81 26.43 14.97
N ILE A 249 -6.13 26.30 14.91
CA ILE A 249 -6.82 26.35 13.63
C ILE A 249 -6.99 27.79 13.12
N GLY A 250 -6.66 28.77 13.96
CA GLY A 250 -6.90 30.17 13.61
C GLY A 250 -6.38 30.68 12.27
N ALA A 251 -5.20 30.21 11.86
CA ALA A 251 -4.61 30.68 10.61
C ALA A 251 -5.49 30.49 9.37
N VAL A 252 -6.32 29.46 9.35
CA VAL A 252 -7.10 29.22 8.17
C VAL A 252 -8.34 30.17 8.08
N GLU A 253 -8.69 30.83 9.19
CA GLU A 253 -9.87 31.69 9.17
C GLU A 253 -9.80 32.87 8.18
N PRO A 254 -8.68 33.61 8.14
CA PRO A 254 -8.65 34.71 7.16
C PRO A 254 -8.64 34.19 5.72
N ILE A 255 -8.10 33.00 5.50
CA ILE A 255 -8.12 32.44 4.15
C ILE A 255 -9.54 32.10 3.73
N ILE A 256 -10.29 31.48 4.65
CA ILE A 256 -11.67 31.11 4.38
C ILE A 256 -12.53 32.36 4.19
N ALA A 257 -12.27 33.41 4.98
CA ALA A 257 -13.05 34.66 4.85
C ALA A 257 -12.80 35.28 3.47
N ALA A 258 -11.54 35.25 3.03
CA ALA A 258 -11.20 35.79 1.71
C ALA A 258 -11.88 34.94 0.64
N ALA A 259 -11.86 33.62 0.81
CA ALA A 259 -12.48 32.72 -0.14
C ALA A 259 -13.99 33.01 -0.32
N GLY A 260 -14.68 33.30 0.76
CA GLY A 260 -16.10 33.56 0.69
C GLY A 260 -16.43 34.79 -0.16
N GLU A 261 -15.45 35.64 -0.40
CA GLU A 261 -15.67 36.86 -1.21
C GLU A 261 -15.35 36.64 -2.70
N VAL A 262 -14.83 35.47 -3.03
CA VAL A 262 -14.40 35.14 -4.39
C VAL A 262 -15.44 34.31 -5.15
N ASP A 263 -15.69 34.67 -6.41
CA ASP A 263 -16.63 33.91 -7.21
C ASP A 263 -15.97 32.65 -7.78
N ALA A 264 -15.75 31.67 -6.91
CA ALA A 264 -15.23 30.36 -7.28
C ALA A 264 -15.66 29.43 -6.16
N ASP A 265 -15.55 28.12 -6.38
CA ASP A 265 -15.88 27.12 -5.36
C ASP A 265 -14.58 26.69 -4.68
N PHE A 266 -14.65 26.43 -3.38
CA PHE A 266 -13.47 26.03 -2.60
C PHE A 266 -13.75 24.73 -1.86
N VAL A 267 -12.72 23.91 -1.65
CA VAL A 267 -12.87 22.70 -0.84
C VAL A 267 -11.79 22.75 0.26
N LEU A 268 -12.24 22.72 1.50
CA LEU A 268 -11.35 22.80 2.65
C LEU A 268 -10.98 21.38 3.04
N ALA A 269 -9.69 21.08 3.03
CA ALA A 269 -9.20 19.74 3.27
C ALA A 269 -8.13 19.75 4.39
N LEU A 270 -8.59 19.78 5.63
CA LEU A 270 -7.70 19.86 6.78
C LEU A 270 -7.44 18.50 7.42
N GLY A 271 -7.74 17.42 6.70
CA GLY A 271 -7.39 16.09 7.17
C GLY A 271 -8.22 15.65 8.36
N ASP A 272 -7.56 15.12 9.40
CA ASP A 272 -8.23 14.63 10.61
C ASP A 272 -8.48 15.77 11.59
N LEU A 273 -8.06 16.99 11.27
CA LEU A 273 -8.29 18.12 12.17
C LEU A 273 -9.80 18.39 12.35
N ASP A 274 -10.20 18.57 13.61
CA ASP A 274 -11.59 18.89 13.91
C ASP A 274 -11.83 20.36 13.48
N ILE A 275 -12.75 20.55 12.52
CA ILE A 275 -13.05 21.88 11.99
C ILE A 275 -14.27 22.53 12.63
N SER A 276 -14.82 21.89 13.65
CA SER A 276 -15.92 22.51 14.40
C SER A 276 -15.68 23.94 14.83
N PRO A 277 -14.44 24.27 15.28
CA PRO A 277 -14.29 25.66 15.73
C PRO A 277 -14.53 26.71 14.63
N LEU A 278 -14.53 26.32 13.36
CA LEU A 278 -14.73 27.28 12.26
C LEU A 278 -16.18 27.67 12.09
N GLY A 279 -17.07 26.87 12.66
CA GLY A 279 -18.50 27.10 12.51
C GLY A 279 -18.94 27.02 11.06
N THR A 280 -19.92 27.82 10.68
CA THR A 280 -20.45 27.67 9.35
C THR A 280 -19.53 28.27 8.31
N LEU A 281 -19.19 27.48 7.30
CA LEU A 281 -18.32 27.97 6.24
C LEU A 281 -19.12 28.84 5.28
N PRO A 282 -18.43 29.72 4.54
CA PRO A 282 -19.11 30.42 3.43
C PRO A 282 -19.80 29.45 2.47
N ARG A 283 -20.84 29.90 1.78
CA ARG A 283 -21.67 28.97 1.02
C ARG A 283 -20.90 28.37 -0.14
N ASN A 284 -19.82 29.04 -0.56
CA ASN A 284 -19.02 28.55 -1.69
C ASN A 284 -17.82 27.71 -1.24
N VAL A 285 -17.81 27.34 0.04
CA VAL A 285 -16.70 26.56 0.61
C VAL A 285 -17.25 25.28 1.22
N ARG A 286 -16.81 24.14 0.72
CA ARG A 286 -17.23 22.87 1.28
C ARG A 286 -16.04 22.20 1.97
N ALA A 287 -16.30 21.31 2.91
CA ALA A 287 -15.20 20.65 3.62
C ALA A 287 -15.22 19.16 3.40
N VAL A 288 -14.03 18.56 3.46
CA VAL A 288 -13.86 17.11 3.47
C VAL A 288 -12.97 16.69 4.64
N GLY A 289 -13.11 15.43 5.08
CA GLY A 289 -12.16 14.89 6.03
C GLY A 289 -10.94 14.35 5.26
N TRP A 290 -10.20 13.44 5.89
CA TRP A 290 -8.99 12.93 5.25
C TRP A 290 -9.31 12.38 3.84
N THR A 291 -8.60 12.89 2.84
CA THR A 291 -8.74 12.47 1.44
C THR A 291 -7.34 12.52 0.84
N PRO A 292 -6.92 11.50 0.10
CA PRO A 292 -5.57 11.65 -0.48
C PRO A 292 -5.49 12.91 -1.33
N LEU A 293 -4.45 13.70 -1.12
CA LEU A 293 -4.44 14.99 -1.76
C LEU A 293 -4.47 14.94 -3.29
N HIS A 294 -3.74 14.02 -3.91
CA HIS A 294 -3.76 13.97 -5.35
C HIS A 294 -5.15 13.63 -5.90
N THR A 295 -5.93 12.88 -5.15
CA THR A 295 -7.29 12.55 -5.57
C THR A 295 -8.19 13.79 -5.55
N LEU A 296 -8.03 14.62 -4.53
CA LEU A 296 -8.68 15.91 -4.44
C LEU A 296 -8.28 16.84 -5.59
N LEU A 297 -6.97 16.97 -5.83
CA LEU A 297 -6.48 17.96 -6.78
C LEU A 297 -6.78 17.61 -8.24
N ARG A 298 -7.14 16.35 -8.49
CA ARG A 298 -7.47 15.89 -9.85
C ARG A 298 -8.57 16.75 -10.44
N THR A 299 -9.44 17.24 -9.56
CA THR A 299 -10.56 18.07 -9.96
C THR A 299 -10.49 19.56 -9.52
N CYS A 300 -9.30 20.01 -9.12
CA CYS A 300 -9.12 21.40 -8.72
C CYS A 300 -8.33 22.23 -9.73
N THR A 301 -8.53 23.55 -9.68
CA THR A 301 -7.88 24.50 -10.56
C THR A 301 -6.63 25.13 -9.92
N ALA A 302 -6.56 25.14 -8.59
CA ALA A 302 -5.45 25.72 -7.85
C ALA A 302 -5.54 25.23 -6.42
N VAL A 303 -4.50 25.52 -5.62
CA VAL A 303 -4.50 25.12 -4.22
C VAL A 303 -3.86 26.20 -3.36
N VAL A 304 -4.44 26.45 -2.19
CA VAL A 304 -3.89 27.36 -1.19
C VAL A 304 -3.44 26.44 -0.07
N HIS A 305 -2.20 26.61 0.39
CA HIS A 305 -1.68 25.74 1.43
C HIS A 305 -0.59 26.46 2.23
N HIS A 306 0.10 25.72 3.10
CA HIS A 306 1.03 26.33 4.05
C HIS A 306 2.46 26.37 3.50
N GLY A 307 2.76 25.56 2.49
CA GLY A 307 4.13 25.44 2.00
C GLY A 307 4.84 24.13 2.29
N GLY A 308 4.13 23.16 2.83
CA GLY A 308 4.69 21.81 3.00
C GLY A 308 5.22 21.23 1.70
N GLY A 309 6.39 20.60 1.77
CA GLY A 309 7.05 20.08 0.57
C GLY A 309 6.21 19.05 -0.18
N GLY A 310 5.55 18.18 0.58
CA GLY A 310 4.72 17.17 -0.07
C GLY A 310 3.56 17.82 -0.79
N THR A 311 2.97 18.85 -0.20
CA THR A 311 1.86 19.54 -0.83
C THR A 311 2.33 20.32 -2.06
N VAL A 312 3.48 20.99 -1.96
CA VAL A 312 4.08 21.67 -3.11
C VAL A 312 4.23 20.68 -4.27
N MET A 313 4.82 19.52 -3.97
CA MET A 313 5.09 18.53 -5.04
C MET A 313 3.84 17.90 -5.63
N THR A 314 2.83 17.69 -4.79
CA THR A 314 1.57 17.15 -5.26
C THR A 314 0.79 18.16 -6.12
N ALA A 315 0.90 19.46 -5.79
CA ALA A 315 0.34 20.50 -6.65
C ALA A 315 1.06 20.53 -8.00
N ILE A 316 2.37 20.37 -8.00
CA ILE A 316 3.12 20.29 -9.28
C ILE A 316 2.70 19.05 -10.09
N ASP A 317 2.57 17.89 -9.43
CA ASP A 317 2.05 16.72 -10.12
C ASP A 317 0.68 16.96 -10.75
N ALA A 318 -0.15 17.75 -10.08
CA ALA A 318 -1.46 18.13 -10.63
C ALA A 318 -1.37 19.17 -11.73
N GLY A 319 -0.28 19.88 -11.83
CA GLY A 319 -0.09 20.89 -12.84
C GLY A 319 -0.85 22.17 -12.56
N ILE A 320 -1.03 22.53 -11.29
CA ILE A 320 -1.88 23.71 -10.96
C ILE A 320 -1.11 24.75 -10.16
N PRO A 321 -1.50 26.00 -10.28
CA PRO A 321 -0.89 27.06 -9.49
C PRO A 321 -1.17 26.88 -8.01
N GLN A 322 -0.27 27.40 -7.20
CA GLN A 322 -0.38 27.26 -5.73
C GLN A 322 -0.06 28.58 -5.03
N LEU A 323 -0.73 28.81 -3.90
CA LEU A 323 -0.45 29.95 -3.05
C LEU A 323 0.01 29.38 -1.70
N LEU A 324 1.18 29.80 -1.25
CA LEU A 324 1.75 29.36 0.02
C LEU A 324 1.51 30.46 1.05
N ALA A 325 0.61 30.21 2.00
CA ALA A 325 0.24 31.22 3.01
C ALA A 325 0.16 30.58 4.41
N PRO A 326 1.30 30.20 4.97
CA PRO A 326 1.31 29.60 6.31
C PRO A 326 0.92 30.60 7.40
N ASP A 327 0.54 30.09 8.55
CA ASP A 327 0.56 30.91 9.78
C ASP A 327 1.89 31.68 9.84
N PRO A 328 1.84 33.00 10.09
CA PRO A 328 3.10 33.77 10.10
C PRO A 328 4.12 33.37 11.16
N ARG A 329 3.73 32.58 12.16
CA ARG A 329 4.64 32.13 13.19
C ARG A 329 5.40 30.85 12.87
N ASP A 330 4.96 30.15 11.82
CA ASP A 330 5.51 28.83 11.51
C ASP A 330 6.82 28.98 10.75
N GLN A 331 7.91 28.46 11.31
CA GLN A 331 9.21 28.68 10.69
C GLN A 331 9.67 27.54 9.77
N PHE A 332 8.85 26.50 9.64
CA PHE A 332 9.29 25.29 8.91
C PHE A 332 8.75 25.17 7.50
N GLN A 333 8.15 26.25 6.99
CA GLN A 333 7.56 26.19 5.64
C GLN A 333 8.29 27.11 4.63
N HIS A 334 9.57 27.38 4.84
CA HIS A 334 10.19 28.45 4.13
C HIS A 334 10.86 28.04 2.83
N THR A 335 11.33 26.79 2.76
CA THR A 335 12.34 26.50 1.73
C THR A 335 11.86 26.43 0.28
N ALA A 336 10.55 26.28 0.05
CA ALA A 336 10.05 26.29 -1.32
C ALA A 336 9.70 27.71 -1.76
N ARG A 337 9.70 28.68 -0.85
CA ARG A 337 9.06 29.95 -1.19
C ARG A 337 9.75 30.75 -2.30
N GLU A 338 11.07 30.89 -2.19
CA GLU A 338 11.86 31.62 -3.18
C GLU A 338 11.68 30.98 -4.54
N ALA A 339 11.74 29.65 -4.56
CA ALA A 339 11.61 28.95 -5.84
C ALA A 339 10.23 29.05 -6.45
N VAL A 340 9.18 28.94 -5.65
CA VAL A 340 7.83 29.05 -6.20
C VAL A 340 7.71 30.43 -6.89
N SER A 341 8.26 31.43 -6.20
N SER A 341 8.26 31.44 -6.25
CA SER A 341 8.25 32.81 -6.67
CA SER A 341 8.14 32.78 -6.80
C SER A 341 9.06 32.94 -7.96
C SER A 341 9.08 33.03 -7.99
N ARG A 342 10.36 32.70 -7.86
CA ARG A 342 11.30 32.88 -8.98
C ARG A 342 10.89 32.08 -10.23
N ARG A 343 10.37 30.86 -10.04
CA ARG A 343 9.96 30.04 -11.18
C ARG A 343 8.54 30.36 -11.67
N GLY A 344 7.78 31.15 -10.90
CA GLY A 344 6.48 31.64 -11.34
C GLY A 344 5.35 30.63 -11.33
N ILE A 345 5.47 29.59 -10.52
CA ILE A 345 4.47 28.54 -10.47
C ILE A 345 3.44 28.80 -9.35
N GLY A 346 3.64 29.89 -8.62
CA GLY A 346 2.66 30.21 -7.61
C GLY A 346 3.00 31.51 -6.92
N LEU A 347 2.27 31.78 -5.85
CA LEU A 347 2.38 33.00 -5.09
C LEU A 347 2.74 32.68 -3.65
N VAL A 348 3.40 33.61 -2.97
CA VAL A 348 3.74 33.37 -1.58
C VAL A 348 3.30 34.55 -0.69
N SER A 349 2.69 34.22 0.45
CA SER A 349 2.20 35.26 1.40
C SER A 349 2.17 34.64 2.80
N THR A 350 1.32 35.14 3.68
CA THR A 350 1.10 34.47 4.96
C THR A 350 -0.40 34.50 5.16
N SER A 351 -0.88 33.63 6.04
CA SER A 351 -2.32 33.42 6.16
C SER A 351 -3.08 34.73 6.49
N ASP A 352 -2.47 35.52 7.37
CA ASP A 352 -3.11 36.73 7.87
C ASP A 352 -3.15 37.83 6.83
N LYS A 353 -2.38 37.67 5.76
CA LYS A 353 -2.36 38.67 4.68
C LYS A 353 -3.09 38.27 3.40
N VAL A 354 -3.70 37.07 3.37
CA VAL A 354 -4.52 36.65 2.24
C VAL A 354 -5.78 37.46 2.14
N ASP A 355 -6.05 37.98 0.94
CA ASP A 355 -7.31 38.62 0.66
C ASP A 355 -7.92 38.15 -0.65
N ALA A 356 -9.13 38.62 -0.94
CA ALA A 356 -9.85 38.16 -2.11
C ALA A 356 -9.08 38.50 -3.41
N ASP A 357 -8.42 39.66 -3.44
CA ASP A 357 -7.62 40.06 -4.59
C ASP A 357 -6.49 39.04 -4.84
N LEU A 358 -5.85 38.59 -3.78
CA LEU A 358 -4.74 37.64 -3.97
C LEU A 358 -5.25 36.28 -4.48
N LEU A 359 -6.39 35.81 -3.97
CA LEU A 359 -7.01 34.59 -4.45
C LEU A 359 -7.45 34.73 -5.93
N ARG A 360 -7.91 35.92 -6.31
CA ARG A 360 -8.26 36.13 -7.71
C ARG A 360 -7.05 36.09 -8.62
N ARG A 361 -5.92 36.59 -8.14
CA ARG A 361 -4.65 36.51 -8.89
C ARG A 361 -4.28 35.03 -9.08
N LEU A 362 -4.42 34.27 -8.00
CA LEU A 362 -4.04 32.85 -8.06
C LEU A 362 -4.80 32.12 -9.15
N ILE A 363 -6.10 32.36 -9.23
CA ILE A 363 -6.96 31.65 -10.16
C ILE A 363 -6.91 32.27 -11.57
N GLY A 364 -6.57 33.56 -11.66
CA GLY A 364 -6.68 34.28 -12.93
C GLY A 364 -5.39 34.50 -13.72
N ASP A 365 -4.23 34.41 -13.05
CA ASP A 365 -2.97 34.72 -13.74
C ASP A 365 -2.52 33.49 -14.53
N GLU A 366 -2.69 33.55 -15.83
CA GLU A 366 -2.39 32.39 -16.70
C GLU A 366 -0.90 32.06 -16.69
N SER A 367 -0.03 33.01 -16.40
CA SER A 367 1.41 32.72 -16.39
C SER A 367 1.74 31.71 -15.28
N LEU A 368 0.98 31.77 -14.19
CA LEU A 368 1.17 30.79 -13.10
C LEU A 368 0.85 29.36 -13.56
N ARG A 369 -0.22 29.18 -14.33
CA ARG A 369 -0.61 27.87 -14.79
C ARG A 369 0.38 27.34 -15.83
N THR A 370 0.81 28.20 -16.74
CA THR A 370 1.84 27.85 -17.73
C THR A 370 3.12 27.35 -17.09
N ALA A 371 3.64 28.13 -16.17
CA ALA A 371 4.84 27.76 -15.39
C ALA A 371 4.64 26.45 -14.60
N ALA A 372 3.50 26.29 -13.92
CA ALA A 372 3.24 25.02 -13.20
C ALA A 372 3.29 23.81 -14.13
N ARG A 373 2.70 23.93 -15.31
CA ARG A 373 2.69 22.86 -16.28
C ARG A 373 4.11 22.56 -16.78
N GLU A 374 4.92 23.60 -16.96
CA GLU A 374 6.31 23.39 -17.37
C GLU A 374 7.14 22.68 -16.30
N VAL A 375 6.97 23.08 -15.04
CA VAL A 375 7.69 22.39 -13.96
C VAL A 375 7.17 20.95 -13.81
N ARG A 376 5.87 20.73 -14.01
CA ARG A 376 5.36 19.36 -13.97
C ARG A 376 6.04 18.52 -15.05
N GLU A 377 6.17 19.07 -16.25
CA GLU A 377 6.82 18.31 -17.34
C GLU A 377 8.25 17.93 -17.00
N GLU A 378 8.98 18.83 -16.37
CA GLU A 378 10.33 18.50 -15.89
C GLU A 378 10.27 17.36 -14.89
N MET A 379 9.37 17.50 -13.91
CA MET A 379 9.29 16.55 -12.80
C MET A 379 8.94 15.13 -13.26
N VAL A 380 7.93 15.01 -14.11
CA VAL A 380 7.40 13.68 -14.45
C VAL A 380 8.37 12.90 -15.37
N ALA A 381 9.42 13.54 -15.82
CA ALA A 381 10.42 12.86 -16.66
C ALA A 381 11.58 12.32 -15.82
N LEU A 382 11.59 12.68 -14.54
CA LEU A 382 12.66 12.23 -13.64
C LEU A 382 12.57 10.73 -13.35
N PRO A 383 13.67 10.13 -12.88
CA PRO A 383 13.64 8.65 -12.67
C PRO A 383 12.54 8.24 -11.69
N THR A 384 11.83 7.15 -11.97
CA THR A 384 10.75 6.76 -11.06
C THR A 384 11.28 6.13 -9.76
N PRO A 385 10.40 5.99 -8.76
CA PRO A 385 10.78 5.21 -7.57
C PRO A 385 11.25 3.82 -7.98
N ALA A 386 10.64 3.16 -8.96
CA ALA A 386 11.09 1.81 -9.33
C ALA A 386 12.53 1.85 -9.86
N GLU A 387 12.80 2.84 -10.69
N GLU A 387 12.83 2.83 -10.70
CA GLU A 387 14.15 3.02 -11.25
CA GLU A 387 14.19 2.95 -11.21
C GLU A 387 15.15 3.32 -10.14
C GLU A 387 15.17 3.30 -10.11
N THR A 388 14.72 4.07 -9.13
CA THR A 388 15.61 4.52 -8.05
C THR A 388 15.96 3.33 -7.16
N VAL A 389 15.01 2.40 -6.99
CA VAL A 389 15.30 1.18 -6.24
C VAL A 389 16.45 0.42 -6.93
N ARG A 390 16.37 0.28 -8.25
CA ARG A 390 17.46 -0.34 -9.02
C ARG A 390 18.79 0.38 -8.78
N ARG A 391 18.77 1.71 -8.82
CA ARG A 391 20.00 2.50 -8.61
C ARG A 391 20.59 2.25 -7.21
N ILE A 392 19.74 2.24 -6.20
CA ILE A 392 20.20 1.99 -4.84
C ILE A 392 20.83 0.59 -4.73
N VAL A 393 20.16 -0.40 -5.28
CA VAL A 393 20.66 -1.78 -5.20
C VAL A 393 22.03 -1.87 -5.91
N GLU A 394 22.18 -1.21 -7.05
CA GLU A 394 23.47 -1.20 -7.75
C GLU A 394 24.55 -0.52 -6.93
N ARG A 395 24.23 0.61 -6.30
CA ARG A 395 25.20 1.37 -5.50
C ARG A 395 25.74 0.55 -4.33
N ILE A 396 24.90 -0.28 -3.71
CA ILE A 396 25.31 -0.97 -2.48
C ILE A 396 25.80 -2.40 -2.77
N SER A 397 25.76 -2.80 -4.03
CA SER A 397 26.16 -4.16 -4.41
C SER A 397 27.56 -4.18 -4.99
N ARG B 19 3.94 7.30 -22.85
CA ARG B 19 4.59 6.47 -21.85
C ARG B 19 3.74 6.35 -20.58
N HIS B 20 3.35 7.48 -20.00
CA HIS B 20 2.55 7.45 -18.76
C HIS B 20 1.16 6.84 -19.01
N MET B 21 0.78 5.83 -18.23
CA MET B 21 -0.51 5.18 -18.50
C MET B 21 -1.50 5.32 -17.36
N ARG B 22 -2.78 5.18 -17.69
CA ARG B 22 -3.79 4.85 -16.71
C ARG B 22 -4.03 3.34 -16.79
N VAL B 23 -3.82 2.66 -15.68
CA VAL B 23 -3.97 1.21 -15.64
C VAL B 23 -5.12 0.84 -14.71
N LEU B 24 -6.08 0.08 -15.24
CA LEU B 24 -7.21 -0.39 -14.44
C LEU B 24 -7.03 -1.85 -14.02
N PHE B 25 -7.14 -2.11 -12.73
CA PHE B 25 -7.07 -3.47 -12.20
C PHE B 25 -8.45 -3.95 -11.86
N VAL B 26 -8.81 -5.10 -12.41
CA VAL B 26 -10.17 -5.60 -12.26
C VAL B 26 -10.15 -6.93 -11.54
N SER B 27 -10.94 -7.02 -10.46
CA SER B 27 -11.00 -8.24 -9.63
C SER B 27 -12.43 -8.67 -9.40
N SER B 28 -12.67 -9.99 -9.42
CA SER B 28 -13.91 -10.56 -8.88
C SER B 28 -14.02 -10.25 -7.40
N PRO B 29 -15.22 -10.38 -6.84
CA PRO B 29 -15.50 -9.98 -5.45
C PRO B 29 -15.07 -11.03 -4.42
N GLY B 30 -13.77 -11.16 -4.27
CA GLY B 30 -13.21 -12.07 -3.29
C GLY B 30 -11.83 -11.56 -2.90
N ILE B 31 -11.46 -11.77 -1.63
CA ILE B 31 -10.14 -11.32 -1.17
C ILE B 31 -9.03 -12.13 -1.84
N GLY B 32 -9.27 -13.42 -2.04
CA GLY B 32 -8.31 -14.25 -2.76
C GLY B 32 -8.18 -13.92 -4.24
N HIS B 33 -9.21 -13.30 -4.82
CA HIS B 33 -9.10 -12.77 -6.17
C HIS B 33 -8.29 -11.48 -6.21
N LEU B 34 -8.52 -10.61 -5.23
CA LEU B 34 -8.01 -9.23 -5.24
C LEU B 34 -6.55 -9.16 -4.83
N PHE B 35 -6.21 -9.84 -3.73
CA PHE B 35 -4.86 -9.68 -3.21
C PHE B 35 -3.72 -10.02 -4.20
N PRO B 36 -3.91 -11.06 -5.08
CA PRO B 36 -2.88 -11.35 -6.09
C PRO B 36 -2.63 -10.26 -7.14
N LEU B 37 -3.42 -9.18 -7.12
CA LEU B 37 -3.23 -8.06 -8.02
C LEU B 37 -2.41 -6.93 -7.38
N ILE B 38 -2.25 -6.98 -6.05
CA ILE B 38 -1.76 -5.79 -5.32
C ILE B 38 -0.27 -5.49 -5.63
N GLN B 39 0.56 -6.53 -5.65
CA GLN B 39 1.96 -6.28 -6.02
C GLN B 39 2.12 -5.67 -7.41
N LEU B 40 1.32 -6.11 -8.39
CA LEU B 40 1.38 -5.52 -9.72
C LEU B 40 0.85 -4.08 -9.73
N ALA B 41 -0.20 -3.82 -8.96
CA ALA B 41 -0.73 -2.44 -8.86
C ALA B 41 0.34 -1.52 -8.29
N TRP B 42 0.97 -1.92 -7.19
N TRP B 42 0.94 -1.93 -7.16
CA TRP B 42 2.06 -1.10 -6.66
CA TRP B 42 2.07 -1.19 -6.60
C TRP B 42 3.28 -1.04 -7.58
C TRP B 42 3.19 -1.03 -7.63
N GLY B 43 3.52 -2.13 -8.32
CA GLY B 43 4.54 -2.11 -9.35
C GLY B 43 4.28 -0.98 -10.36
N PHE B 44 3.07 -0.91 -10.88
CA PHE B 44 2.73 0.13 -11.86
C PHE B 44 2.80 1.53 -11.25
N ARG B 45 2.34 1.67 -10.00
CA ARG B 45 2.33 2.98 -9.34
C ARG B 45 3.76 3.48 -9.13
N THR B 46 4.63 2.61 -8.62
CA THR B 46 6.01 3.03 -8.35
C THR B 46 6.79 3.25 -9.62
N ALA B 47 6.28 2.75 -10.74
CA ALA B 47 6.79 3.07 -12.08
C ALA B 47 6.14 4.35 -12.67
N GLY B 48 5.40 5.07 -11.84
CA GLY B 48 4.92 6.40 -12.24
C GLY B 48 3.53 6.43 -12.89
N HIS B 49 2.87 5.29 -13.03
CA HIS B 49 1.58 5.27 -13.71
C HIS B 49 0.41 5.56 -12.77
N ASP B 50 -0.72 5.96 -13.33
N ASP B 50 -0.73 5.91 -13.36
CA ASP B 50 -1.95 6.08 -12.56
CA ASP B 50 -1.99 6.06 -12.63
C ASP B 50 -2.52 4.67 -12.46
C ASP B 50 -2.67 4.70 -12.52
N VAL B 51 -3.08 4.34 -11.30
N VAL B 51 -2.97 4.27 -11.30
CA VAL B 51 -3.60 3.00 -11.05
CA VAL B 51 -3.63 2.97 -11.12
C VAL B 51 -4.94 3.11 -10.33
C VAL B 51 -4.94 3.14 -10.37
N LEU B 52 -5.92 2.30 -10.74
CA LEU B 52 -7.23 2.30 -10.12
C LEU B 52 -7.69 0.86 -10.03
N ILE B 53 -8.31 0.49 -8.91
CA ILE B 53 -8.84 -0.86 -8.71
C ILE B 53 -10.37 -0.85 -8.87
N ALA B 54 -10.91 -1.80 -9.64
CA ALA B 54 -12.35 -2.03 -9.70
C ALA B 54 -12.64 -3.35 -8.99
N VAL B 55 -13.49 -3.34 -7.97
CA VAL B 55 -13.84 -4.58 -7.28
C VAL B 55 -15.19 -4.35 -6.62
N ALA B 56 -15.76 -5.39 -6.05
CA ALA B 56 -16.95 -5.24 -5.21
C ALA B 56 -16.77 -6.04 -3.93
N GLU B 57 -17.64 -5.74 -2.96
CA GLU B 57 -17.69 -6.36 -1.64
C GLU B 57 -16.51 -5.99 -0.75
N HIS B 58 -15.31 -5.97 -1.34
CA HIS B 58 -14.07 -5.76 -0.58
C HIS B 58 -13.35 -4.47 -0.92
N ALA B 59 -14.10 -3.45 -1.29
CA ALA B 59 -13.44 -2.21 -1.68
C ALA B 59 -12.63 -1.58 -0.54
N ASP B 60 -13.11 -1.69 0.70
CA ASP B 60 -12.39 -1.07 1.81
C ASP B 60 -11.06 -1.73 2.02
N ARG B 61 -10.99 -3.05 1.83
CA ARG B 61 -9.73 -3.74 1.99
C ARG B 61 -8.76 -3.38 0.88
N ALA B 62 -9.26 -3.14 -0.34
CA ALA B 62 -8.42 -2.63 -1.39
C ALA B 62 -7.83 -1.25 -1.04
N ALA B 63 -8.67 -0.37 -0.51
CA ALA B 63 -8.18 0.94 -0.10
C ALA B 63 -7.13 0.84 1.01
N ALA B 64 -7.23 -0.21 1.84
CA ALA B 64 -6.25 -0.40 2.92
C ALA B 64 -4.87 -0.87 2.41
N ALA B 65 -4.78 -1.12 1.11
CA ALA B 65 -3.47 -1.34 0.44
C ALA B 65 -2.85 -0.02 -0.04
N GLY B 66 -3.48 1.11 0.28
CA GLY B 66 -2.91 2.41 -0.07
C GLY B 66 -3.29 2.86 -1.47
N LEU B 67 -4.30 2.20 -2.06
CA LEU B 67 -4.67 2.47 -3.46
C LEU B 67 -6.10 3.01 -3.62
N GLU B 68 -6.39 3.55 -4.80
CA GLU B 68 -7.70 4.11 -5.11
C GLU B 68 -8.55 3.02 -5.72
N VAL B 69 -9.84 3.03 -5.35
N VAL B 69 -9.83 2.98 -5.32
CA VAL B 69 -10.76 1.96 -5.68
CA VAL B 69 -10.72 1.91 -5.74
C VAL B 69 -12.10 2.55 -6.07
C VAL B 69 -12.14 2.41 -5.95
N VAL B 70 -12.77 1.88 -6.98
CA VAL B 70 -14.17 2.16 -7.27
C VAL B 70 -14.93 0.86 -7.00
N ASP B 71 -15.99 0.96 -6.20
CA ASP B 71 -16.86 -0.19 -5.95
C ASP B 71 -17.86 -0.32 -7.09
N VAL B 72 -17.63 -1.29 -7.97
CA VAL B 72 -18.41 -1.41 -9.21
C VAL B 72 -19.72 -2.19 -9.00
N ALA B 73 -20.00 -2.61 -7.78
CA ALA B 73 -21.32 -3.20 -7.45
C ALA B 73 -21.62 -3.06 -5.96
N PRO B 74 -22.10 -1.89 -5.57
CA PRO B 74 -22.41 -1.70 -4.14
C PRO B 74 -23.40 -2.75 -3.61
N ASP B 75 -23.22 -3.11 -2.35
CA ASP B 75 -24.07 -4.05 -1.63
C ASP B 75 -23.97 -5.49 -2.13
N TYR B 76 -22.95 -5.78 -2.96
CA TYR B 76 -22.72 -7.14 -3.44
C TYR B 76 -22.45 -8.12 -2.29
N SER B 77 -22.98 -9.35 -2.38
CA SER B 77 -22.64 -10.42 -1.43
C SER B 77 -22.37 -11.70 -2.19
N ALA B 78 -21.14 -12.20 -2.12
CA ALA B 78 -20.81 -13.38 -2.91
C ALA B 78 -21.63 -14.56 -2.42
N VAL B 79 -21.79 -14.67 -1.11
CA VAL B 79 -22.53 -15.81 -0.53
C VAL B 79 -23.98 -15.78 -1.03
N LYS B 80 -24.58 -14.59 -1.16
CA LYS B 80 -25.93 -14.51 -1.71
C LYS B 80 -25.98 -14.96 -3.17
N VAL B 81 -24.97 -14.58 -3.96
CA VAL B 81 -24.88 -15.03 -5.33
C VAL B 81 -24.81 -16.56 -5.41
N PHE B 82 -23.98 -17.17 -4.55
CA PHE B 82 -23.85 -18.64 -4.55
C PHE B 82 -25.18 -19.30 -4.25
N GLU B 83 -25.90 -18.75 -3.29
CA GLU B 83 -27.15 -19.36 -2.87
C GLU B 83 -28.14 -19.28 -4.02
N GLN B 84 -28.11 -18.18 -4.74
CA GLN B 84 -29.03 -17.95 -5.84
C GLN B 84 -28.73 -18.90 -7.01
N VAL B 85 -27.45 -19.13 -7.28
CA VAL B 85 -27.08 -20.07 -8.33
C VAL B 85 -27.57 -21.47 -8.02
N ALA B 86 -27.36 -21.93 -6.78
CA ALA B 86 -27.86 -23.23 -6.39
C ALA B 86 -29.38 -23.37 -6.55
N LYS B 87 -30.12 -22.36 -6.13
CA LYS B 87 -31.58 -22.39 -6.23
C LYS B 87 -32.02 -22.43 -7.69
N ASP B 88 -31.39 -21.60 -8.51
CA ASP B 88 -31.78 -21.45 -9.91
C ASP B 88 -31.30 -22.56 -10.84
N ASN B 89 -30.32 -23.34 -10.38
CA ASN B 89 -29.74 -24.39 -11.23
C ASN B 89 -29.63 -25.71 -10.46
N PRO B 90 -30.76 -26.31 -10.11
CA PRO B 90 -30.72 -27.47 -9.20
C PRO B 90 -30.06 -28.69 -9.85
N ARG B 91 -30.15 -28.80 -11.18
CA ARG B 91 -29.50 -29.92 -11.87
C ARG B 91 -27.99 -29.81 -11.76
N PHE B 92 -27.50 -28.62 -12.09
CA PHE B 92 -26.07 -28.29 -11.96
C PHE B 92 -25.59 -28.58 -10.54
N ALA B 93 -26.35 -28.10 -9.57
CA ALA B 93 -26.01 -28.27 -8.18
C ALA B 93 -25.91 -29.74 -7.76
N GLU B 94 -26.72 -30.61 -8.36
CA GLU B 94 -26.72 -32.01 -7.94
C GLU B 94 -25.82 -32.89 -8.81
N THR B 95 -25.10 -32.28 -9.75
CA THR B 95 -24.24 -33.05 -10.64
C THR B 95 -22.80 -32.47 -10.67
N VAL B 96 -22.57 -31.53 -11.59
CA VAL B 96 -21.30 -30.82 -11.70
C VAL B 96 -20.80 -30.32 -10.37
N ALA B 97 -21.66 -29.71 -9.55
CA ALA B 97 -21.23 -29.15 -8.28
C ALA B 97 -20.93 -30.19 -7.21
N THR B 98 -21.07 -31.50 -7.52
CA THR B 98 -20.74 -32.56 -6.58
C THR B 98 -19.30 -33.02 -6.78
N ARG B 99 -18.62 -32.42 -7.76
CA ARG B 99 -17.22 -32.74 -8.07
C ARG B 99 -16.35 -31.49 -8.07
N PRO B 100 -15.02 -31.68 -7.93
CA PRO B 100 -14.12 -30.51 -7.88
C PRO B 100 -14.19 -29.66 -9.15
N ALA B 101 -13.96 -28.35 -8.97
CA ALA B 101 -13.92 -27.42 -10.07
C ALA B 101 -12.52 -27.46 -10.66
N ILE B 102 -12.38 -28.18 -11.77
CA ILE B 102 -11.09 -28.34 -12.40
C ILE B 102 -11.11 -27.74 -13.79
N ASP B 103 -12.10 -28.14 -14.57
CA ASP B 103 -12.28 -27.60 -15.91
C ASP B 103 -13.33 -26.51 -15.79
N LEU B 104 -12.89 -25.26 -15.72
CA LEU B 104 -13.82 -24.18 -15.39
C LEU B 104 -14.82 -23.86 -16.52
N GLU B 105 -14.54 -24.35 -17.73
CA GLU B 105 -15.60 -24.30 -18.79
C GLU B 105 -16.91 -24.88 -18.23
N GLU B 106 -16.82 -25.93 -17.42
CA GLU B 106 -18.03 -26.56 -16.87
C GLU B 106 -18.74 -25.71 -15.83
N TRP B 107 -18.05 -24.70 -15.32
CA TRP B 107 -18.56 -23.90 -14.22
C TRP B 107 -18.96 -22.50 -14.64
N GLY B 108 -19.04 -22.30 -15.96
CA GLY B 108 -19.48 -21.02 -16.54
C GLY B 108 -20.71 -20.42 -15.87
N VAL B 109 -21.71 -21.24 -15.57
CA VAL B 109 -22.97 -20.72 -15.05
C VAL B 109 -22.77 -20.06 -13.68
N GLN B 110 -21.87 -20.61 -12.89
CA GLN B 110 -21.60 -20.10 -11.55
C GLN B 110 -20.73 -18.85 -11.59
N ILE B 111 -19.63 -18.91 -12.34
CA ILE B 111 -18.72 -17.77 -12.47
C ILE B 111 -19.37 -16.61 -13.22
N ALA B 112 -20.23 -16.89 -14.18
CA ALA B 112 -20.97 -15.80 -14.80
C ALA B 112 -21.90 -15.11 -13.81
N ALA B 113 -22.57 -15.85 -12.91
CA ALA B 113 -23.47 -15.24 -11.92
C ALA B 113 -22.67 -14.30 -11.03
N VAL B 114 -21.45 -14.70 -10.74
CA VAL B 114 -20.57 -13.89 -9.85
C VAL B 114 -20.15 -12.60 -10.56
N ASN B 115 -19.85 -12.68 -11.85
CA ASN B 115 -19.38 -11.54 -12.64
C ASN B 115 -20.52 -10.58 -13.02
N ARG B 116 -21.73 -11.12 -13.20
CA ARG B 116 -22.81 -10.34 -13.84
C ARG B 116 -23.07 -8.98 -13.16
N PRO B 117 -23.18 -8.97 -11.82
CA PRO B 117 -23.52 -7.68 -11.18
C PRO B 117 -22.42 -6.62 -11.28
N LEU B 118 -21.19 -6.99 -11.69
CA LEU B 118 -20.10 -6.06 -11.83
C LEU B 118 -20.04 -5.37 -13.18
N VAL B 119 -20.81 -5.89 -14.14
CA VAL B 119 -20.59 -5.48 -15.50
C VAL B 119 -20.96 -3.99 -15.76
N ASP B 120 -22.14 -3.59 -15.35
CA ASP B 120 -22.62 -2.25 -15.67
C ASP B 120 -21.67 -1.17 -15.10
N GLY B 121 -21.33 -1.35 -13.82
CA GLY B 121 -20.45 -0.41 -13.12
C GLY B 121 -19.05 -0.36 -13.70
N THR B 122 -18.55 -1.54 -14.14
CA THR B 122 -17.22 -1.60 -14.70
C THR B 122 -17.16 -0.92 -16.06
N MET B 123 -18.22 -1.12 -16.85
CA MET B 123 -18.27 -0.51 -18.18
C MET B 123 -18.33 1.03 -18.06
N ALA B 124 -19.15 1.52 -17.14
CA ALA B 124 -19.24 2.97 -16.91
C ALA B 124 -17.85 3.49 -16.47
N LEU B 125 -17.18 2.72 -15.60
CA LEU B 125 -15.87 3.17 -15.13
C LEU B 125 -14.87 3.24 -16.28
N VAL B 126 -14.88 2.25 -17.17
CA VAL B 126 -13.97 2.30 -18.29
C VAL B 126 -14.21 3.54 -19.15
N ASP B 127 -15.48 3.88 -19.33
CA ASP B 127 -15.78 5.08 -20.11
C ASP B 127 -15.26 6.36 -19.46
N ASP B 128 -15.34 6.42 -18.14
CA ASP B 128 -14.95 7.60 -17.37
C ASP B 128 -13.43 7.71 -17.16
N TYR B 129 -12.80 6.57 -16.88
CA TYR B 129 -11.38 6.57 -16.50
C TYR B 129 -10.50 6.48 -17.74
N ARG B 130 -10.98 5.81 -18.78
CA ARG B 130 -10.23 5.69 -20.05
C ARG B 130 -8.83 5.06 -19.84
N PRO B 131 -8.80 3.81 -19.37
CA PRO B 131 -7.50 3.17 -19.14
C PRO B 131 -6.73 2.91 -20.43
N ASP B 132 -5.42 2.87 -20.35
CA ASP B 132 -4.55 2.45 -21.44
C ASP B 132 -4.24 0.95 -21.39
N LEU B 133 -4.57 0.32 -20.27
CA LEU B 133 -4.21 -1.08 -20.02
C LEU B 133 -5.13 -1.62 -18.94
N VAL B 134 -5.56 -2.88 -19.10
CA VAL B 134 -6.37 -3.52 -18.06
C VAL B 134 -5.60 -4.74 -17.57
N VAL B 135 -5.39 -4.84 -16.27
CA VAL B 135 -4.87 -6.04 -15.65
C VAL B 135 -6.01 -6.68 -14.85
N TYR B 136 -6.34 -7.94 -15.13
CA TYR B 136 -7.49 -8.54 -14.45
C TYR B 136 -7.08 -9.91 -13.92
N GLU B 137 -7.68 -10.33 -12.83
CA GLU B 137 -7.40 -11.65 -12.34
C GLU B 137 -8.26 -12.69 -13.06
N GLN B 138 -7.78 -13.93 -13.10
CA GLN B 138 -8.31 -14.98 -13.97
C GLN B 138 -9.82 -15.22 -13.86
N GLY B 139 -10.38 -15.02 -12.67
CA GLY B 139 -11.81 -15.21 -12.46
C GLY B 139 -12.69 -14.10 -13.04
N ALA B 140 -12.08 -12.98 -13.34
CA ALA B 140 -12.86 -11.78 -13.72
C ALA B 140 -12.97 -11.59 -15.25
N THR B 141 -13.85 -12.38 -15.88
CA THR B 141 -14.18 -12.19 -17.30
C THR B 141 -14.60 -10.73 -17.56
N VAL B 142 -15.23 -10.11 -16.57
CA VAL B 142 -15.60 -8.69 -16.71
C VAL B 142 -14.37 -7.81 -17.07
N GLY B 143 -13.18 -8.20 -16.60
CA GLY B 143 -11.96 -7.49 -16.97
C GLY B 143 -11.64 -7.55 -18.47
N LEU B 144 -11.91 -8.69 -19.10
CA LEU B 144 -11.74 -8.79 -20.54
C LEU B 144 -12.77 -7.96 -21.30
N LEU B 145 -14.00 -7.95 -20.80
CA LEU B 145 -15.04 -7.14 -21.43
C LEU B 145 -14.68 -5.67 -21.28
N ALA B 146 -14.07 -5.31 -20.14
CA ALA B 146 -13.62 -3.94 -19.91
C ALA B 146 -12.55 -3.52 -20.90
N ALA B 147 -11.57 -4.39 -21.14
CA ALA B 147 -10.49 -4.10 -22.05
C ALA B 147 -11.05 -3.92 -23.46
N ASP B 148 -12.04 -4.74 -23.82
CA ASP B 148 -12.65 -4.57 -25.15
C ASP B 148 -13.44 -3.26 -25.24
N ARG B 149 -14.18 -2.92 -24.20
CA ARG B 149 -14.89 -1.62 -24.16
C ARG B 149 -13.93 -0.47 -24.40
N ALA B 150 -12.77 -0.52 -23.72
CA ALA B 150 -11.75 0.52 -23.84
C ALA B 150 -10.94 0.45 -25.12
N GLY B 151 -10.91 -0.71 -25.74
CA GLY B 151 -10.03 -0.90 -26.88
C GLY B 151 -8.55 -0.98 -26.57
N VAL B 152 -8.19 -1.62 -25.46
CA VAL B 152 -6.80 -1.64 -25.01
C VAL B 152 -6.40 -3.08 -24.63
N PRO B 153 -5.09 -3.31 -24.49
CA PRO B 153 -4.61 -4.65 -24.10
C PRO B 153 -5.03 -5.05 -22.71
N ALA B 154 -5.21 -6.35 -22.52
CA ALA B 154 -5.52 -6.92 -21.22
C ALA B 154 -4.44 -7.90 -20.83
N VAL B 155 -4.09 -7.91 -19.55
CA VAL B 155 -3.12 -8.87 -19.03
C VAL B 155 -3.78 -9.70 -17.94
N GLN B 156 -3.68 -11.03 -18.01
CA GLN B 156 -4.35 -11.91 -17.09
C GLN B 156 -3.42 -12.35 -15.97
N ARG B 157 -3.90 -12.28 -14.73
CA ARG B 157 -3.13 -12.77 -13.58
C ARG B 157 -3.79 -14.04 -13.07
N ASN B 158 -3.09 -15.18 -13.16
CA ASN B 158 -3.70 -16.46 -12.86
C ASN B 158 -3.81 -16.76 -11.37
N GLN B 159 -4.66 -17.73 -11.03
CA GLN B 159 -4.95 -18.13 -9.64
C GLN B 159 -4.75 -19.63 -9.48
N SER B 160 -4.10 -20.05 -8.39
CA SER B 160 -3.84 -21.48 -8.14
C SER B 160 -3.29 -22.12 -9.40
N ALA B 161 -3.78 -23.31 -9.76
CA ALA B 161 -3.24 -23.97 -10.97
C ALA B 161 -4.27 -24.13 -12.08
N TRP B 162 -5.42 -23.46 -11.96
CA TRP B 162 -6.45 -23.57 -12.99
C TRP B 162 -5.93 -23.21 -14.39
N ARG B 163 -6.23 -24.06 -15.37
CA ARG B 163 -5.94 -23.73 -16.76
C ARG B 163 -7.12 -22.97 -17.36
N THR B 164 -6.83 -21.94 -18.15
CA THR B 164 -7.86 -21.08 -18.69
C THR B 164 -8.72 -21.81 -19.73
N ARG B 165 -8.06 -22.36 -20.73
CA ARG B 165 -8.79 -23.03 -21.80
C ARG B 165 -9.91 -22.11 -22.30
N GLY B 166 -11.13 -22.63 -22.45
CA GLY B 166 -12.23 -21.82 -22.95
C GLY B 166 -13.11 -21.26 -21.86
N MET B 167 -12.58 -21.11 -20.64
CA MET B 167 -13.44 -20.71 -19.53
C MET B 167 -14.13 -19.37 -19.77
N HIS B 168 -13.43 -18.44 -20.38
CA HIS B 168 -14.02 -17.11 -20.56
C HIS B 168 -15.11 -17.15 -21.62
N ARG B 169 -14.89 -17.96 -22.67
CA ARG B 169 -15.96 -18.15 -23.66
C ARG B 169 -17.19 -18.77 -23.03
N SER B 170 -17.00 -19.72 -22.12
N SER B 170 -16.99 -19.73 -22.14
CA SER B 170 -18.12 -20.36 -21.43
CA SER B 170 -18.11 -20.35 -21.43
C SER B 170 -18.85 -19.37 -20.53
C SER B 170 -18.85 -19.29 -20.61
N ILE B 171 -18.07 -18.54 -19.82
CA ILE B 171 -18.66 -17.53 -18.92
C ILE B 171 -19.44 -16.50 -19.74
N ALA B 172 -18.82 -16.05 -20.83
CA ALA B 172 -19.41 -15.05 -21.72
C ALA B 172 -20.73 -15.55 -22.32
N SER B 173 -20.88 -16.86 -22.48
CA SER B 173 -22.09 -17.41 -23.07
C SER B 173 -23.32 -17.12 -22.19
N PHE B 174 -23.10 -16.89 -20.91
CA PHE B 174 -24.18 -16.62 -19.96
C PHE B 174 -24.37 -15.12 -19.74
N LEU B 175 -23.44 -14.30 -20.24
CA LEU B 175 -23.48 -12.84 -20.03
C LEU B 175 -23.87 -12.18 -21.31
N THR B 176 -24.48 -12.98 -22.18
CA THR B 176 -24.65 -12.56 -23.53
C THR B 176 -25.56 -11.30 -23.67
N ASP B 177 -26.58 -11.19 -22.83
CA ASP B 177 -27.47 -10.02 -22.88
C ASP B 177 -26.64 -8.74 -22.61
N LEU B 178 -25.74 -8.85 -21.64
CA LEU B 178 -24.95 -7.69 -21.23
C LEU B 178 -23.92 -7.32 -22.28
N MET B 179 -23.34 -8.32 -22.92
CA MET B 179 -22.35 -8.01 -23.96
C MET B 179 -22.99 -7.35 -25.15
N ASP B 180 -24.21 -7.78 -25.47
CA ASP B 180 -24.99 -7.16 -26.52
C ASP B 180 -25.32 -5.70 -26.15
N LYS B 181 -25.85 -5.50 -24.95
CA LYS B 181 -26.16 -4.13 -24.47
C LYS B 181 -24.94 -3.20 -24.49
N HIS B 182 -23.80 -3.67 -23.97
CA HIS B 182 -22.59 -2.83 -23.93
C HIS B 182 -21.73 -2.90 -25.19
N GLN B 183 -22.17 -3.64 -26.21
CA GLN B 183 -21.43 -3.70 -27.47
C GLN B 183 -19.95 -4.13 -27.38
N VAL B 184 -19.72 -5.22 -26.68
CA VAL B 184 -18.38 -5.72 -26.50
C VAL B 184 -18.28 -7.14 -27.00
N SER B 185 -17.10 -7.47 -27.51
CA SER B 185 -16.72 -8.86 -27.77
C SER B 185 -15.72 -9.31 -26.70
N LEU B 186 -15.39 -10.58 -26.68
CA LEU B 186 -14.40 -11.09 -25.74
C LEU B 186 -13.03 -11.17 -26.43
N PRO B 187 -12.05 -10.37 -25.97
CA PRO B 187 -10.70 -10.45 -26.55
C PRO B 187 -9.86 -11.50 -25.82
N GLU B 188 -8.67 -11.78 -26.36
CA GLU B 188 -7.67 -12.57 -25.66
C GLU B 188 -6.67 -11.65 -24.98
N PRO B 189 -6.18 -12.06 -23.81
CA PRO B 189 -5.15 -11.25 -23.16
C PRO B 189 -3.86 -11.25 -23.95
N VAL B 190 -3.09 -10.17 -23.86
CA VAL B 190 -1.78 -10.13 -24.53
C VAL B 190 -0.66 -10.82 -23.77
N ALA B 191 -0.89 -11.09 -22.49
CA ALA B 191 0.08 -11.76 -21.62
C ALA B 191 -0.70 -12.38 -20.47
N THR B 192 -0.15 -13.47 -19.92
CA THR B 192 -0.75 -14.14 -18.78
C THR B 192 0.37 -14.36 -17.78
N ILE B 193 0.07 -14.22 -16.49
CA ILE B 193 1.11 -14.34 -15.47
C ILE B 193 0.70 -15.46 -14.52
N GLU B 194 1.51 -16.52 -14.43
CA GLU B 194 1.16 -17.66 -13.60
C GLU B 194 1.26 -17.28 -12.13
N SER B 195 0.53 -18.00 -11.27
CA SER B 195 0.65 -17.81 -9.83
C SER B 195 1.72 -18.75 -9.22
N PHE B 196 1.64 -20.01 -9.59
CA PHE B 196 2.54 -21.04 -9.02
C PHE B 196 3.90 -21.08 -9.75
N PRO B 197 4.94 -21.57 -9.05
CA PRO B 197 6.24 -21.76 -9.71
C PRO B 197 6.17 -22.97 -10.63
N PRO B 198 7.11 -23.04 -11.60
CA PRO B 198 7.04 -24.10 -12.64
C PRO B 198 6.85 -25.52 -12.08
N SER B 199 7.54 -25.86 -11.00
CA SER B 199 7.48 -27.23 -10.50
C SER B 199 6.08 -27.60 -9.98
N LEU B 200 5.32 -26.61 -9.50
CA LEU B 200 3.99 -26.90 -9.01
C LEU B 200 2.92 -26.92 -10.06
N LEU B 201 3.27 -26.71 -11.34
CA LEU B 201 2.29 -26.91 -12.40
C LEU B 201 2.35 -28.36 -12.93
N LEU B 202 3.30 -29.14 -12.38
CA LEU B 202 3.45 -30.55 -12.78
C LEU B 202 3.60 -30.61 -14.31
N GLU B 203 2.75 -31.38 -15.00
CA GLU B 203 2.89 -31.54 -16.44
C GLU B 203 1.94 -30.63 -17.22
N ALA B 204 1.20 -29.76 -16.53
CA ALA B 204 0.21 -28.94 -17.20
C ALA B 204 0.92 -27.84 -17.98
N GLU B 205 0.39 -27.49 -19.14
CA GLU B 205 1.04 -26.49 -19.99
C GLU B 205 1.02 -25.09 -19.34
N PRO B 206 2.20 -24.48 -19.15
CA PRO B 206 2.20 -23.08 -18.68
C PRO B 206 1.53 -22.15 -19.68
N GLU B 207 0.92 -21.06 -19.19
CA GLU B 207 0.19 -20.14 -20.07
C GLU B 207 0.86 -18.82 -20.42
N GLY B 208 2.00 -18.55 -19.81
CA GLY B 208 2.62 -17.28 -20.08
C GLY B 208 3.86 -17.17 -19.23
N TRP B 209 3.94 -16.11 -18.44
CA TRP B 209 5.15 -15.81 -17.71
C TRP B 209 5.02 -16.29 -16.29
N PHE B 210 6.14 -16.62 -15.66
CA PHE B 210 6.14 -16.88 -14.23
C PHE B 210 6.54 -15.63 -13.49
N MET B 211 6.12 -15.56 -12.23
CA MET B 211 6.43 -14.41 -11.42
C MET B 211 6.53 -14.82 -9.96
N ARG B 212 7.52 -14.28 -9.31
N ARG B 212 7.54 -14.27 -9.31
CA ARG B 212 7.73 -14.53 -7.90
CA ARG B 212 7.74 -14.46 -7.88
C ARG B 212 6.54 -14.08 -7.05
C ARG B 212 6.46 -14.11 -7.12
N TRP B 213 6.09 -14.95 -6.13
CA TRP B 213 5.00 -14.62 -5.22
C TRP B 213 5.56 -13.82 -4.07
N VAL B 214 5.12 -12.58 -3.96
CA VAL B 214 5.48 -11.73 -2.82
C VAL B 214 4.17 -11.55 -2.03
N PRO B 215 4.06 -12.17 -0.87
CA PRO B 215 2.79 -12.18 -0.13
C PRO B 215 2.25 -10.77 0.16
N TYR B 216 0.94 -10.59 -0.03
CA TYR B 216 0.28 -9.38 0.42
C TYR B 216 -1.00 -9.80 1.17
N GLY B 217 -1.16 -9.32 2.40
CA GLY B 217 -2.35 -9.61 3.18
C GLY B 217 -2.84 -8.39 3.95
N GLY B 218 -2.30 -7.22 3.63
CA GLY B 218 -2.63 -6.01 4.40
C GLY B 218 -1.46 -5.52 5.21
N GLY B 219 -1.57 -4.27 5.68
CA GLY B 219 -0.55 -3.77 6.57
C GLY B 219 -0.90 -4.09 8.02
N ALA B 220 0.04 -3.81 8.89
CA ALA B 220 -0.20 -4.03 10.32
C ALA B 220 0.83 -3.32 11.18
N VAL B 221 0.34 -2.83 12.31
CA VAL B 221 1.21 -2.33 13.37
C VAL B 221 1.59 -3.55 14.22
N LEU B 222 2.85 -3.94 14.16
CA LEU B 222 3.27 -5.17 14.84
C LEU B 222 3.34 -4.99 16.35
N GLY B 223 3.36 -3.73 16.81
CA GLY B 223 3.54 -3.44 18.22
C GLY B 223 4.75 -2.53 18.41
N ASP B 224 5.33 -2.54 19.61
CA ASP B 224 6.50 -1.69 19.91
C ASP B 224 7.84 -2.41 19.70
N ARG B 225 7.78 -3.66 19.24
CA ARG B 225 8.99 -4.44 18.95
C ARG B 225 8.64 -5.52 17.94
N LEU B 226 9.64 -6.14 17.34
CA LEU B 226 9.38 -7.23 16.43
C LEU B 226 9.20 -8.51 17.26
N PRO B 227 8.01 -9.13 17.22
CA PRO B 227 7.79 -10.34 18.03
C PRO B 227 8.82 -11.44 17.72
N PRO B 228 9.32 -12.12 18.75
CA PRO B 228 10.29 -13.22 18.56
C PRO B 228 9.63 -14.52 18.07
N VAL B 229 10.36 -15.39 17.39
CA VAL B 229 9.88 -16.75 17.17
C VAL B 229 9.74 -17.41 18.55
N PRO B 230 8.59 -18.04 18.84
CA PRO B 230 8.36 -18.64 20.17
C PRO B 230 9.23 -19.86 20.42
N ALA B 231 9.36 -20.21 21.70
CA ALA B 231 10.15 -21.37 22.11
C ALA B 231 9.43 -22.67 21.74
N ARG B 232 8.11 -22.71 21.95
CA ARG B 232 7.27 -23.85 21.52
C ARG B 232 6.81 -23.66 20.08
N PRO B 233 6.78 -24.76 19.30
CA PRO B 233 6.33 -24.64 17.91
C PRO B 233 4.90 -24.14 17.83
N GLU B 234 4.61 -23.23 16.89
CA GLU B 234 3.24 -22.76 16.75
C GLU B 234 2.74 -23.06 15.33
N VAL B 235 1.52 -23.60 15.23
CA VAL B 235 0.96 -24.03 13.95
C VAL B 235 -0.25 -23.12 13.67
N ALA B 236 -0.27 -22.49 12.50
CA ALA B 236 -1.44 -21.68 12.14
C ALA B 236 -2.56 -22.51 11.54
N ILE B 237 -3.80 -22.11 11.82
CA ILE B 237 -4.99 -22.72 11.21
C ILE B 237 -5.76 -21.58 10.55
N THR B 238 -5.94 -21.65 9.24
CA THR B 238 -6.60 -20.56 8.53
C THR B 238 -7.38 -21.12 7.37
N MET B 239 -8.58 -20.62 7.10
CA MET B 239 -9.34 -21.18 5.98
C MET B 239 -9.75 -20.13 4.92
N GLY B 240 -8.87 -19.17 4.70
CA GLY B 240 -9.13 -18.15 3.68
C GLY B 240 -10.27 -17.21 4.08
N THR B 241 -10.98 -16.77 3.06
CA THR B 241 -11.91 -15.66 3.21
C THR B 241 -13.28 -15.96 2.60
N ILE B 242 -13.50 -17.19 2.14
CA ILE B 242 -14.82 -17.50 1.57
C ILE B 242 -15.40 -18.86 2.03
N GLU B 243 -14.55 -19.85 2.31
CA GLU B 243 -15.08 -21.20 2.56
C GLU B 243 -16.01 -21.25 3.77
N LEU B 244 -15.57 -20.74 4.90
CA LEU B 244 -16.37 -20.81 6.12
C LEU B 244 -17.54 -19.81 6.02
N GLN B 245 -17.37 -18.75 5.27
CA GLN B 245 -18.49 -17.84 5.01
C GLN B 245 -19.61 -18.53 4.23
N ALA B 246 -19.22 -19.39 3.30
CA ALA B 246 -20.21 -20.06 2.42
C ALA B 246 -20.81 -21.31 3.05
N PHE B 247 -19.97 -22.08 3.77
CA PHE B 247 -20.39 -23.38 4.30
C PHE B 247 -20.64 -23.40 5.81
N GLY B 248 -20.28 -22.33 6.50
CA GLY B 248 -20.37 -22.29 7.95
C GLY B 248 -19.05 -22.60 8.59
N ILE B 249 -18.89 -22.24 9.85
CA ILE B 249 -17.65 -22.42 10.57
C ILE B 249 -17.39 -23.88 10.99
N GLY B 250 -18.36 -24.76 10.77
CA GLY B 250 -18.28 -26.10 11.33
C GLY B 250 -17.06 -26.91 10.91
N ALA B 251 -16.61 -26.71 9.68
CA ALA B 251 -15.43 -27.44 9.18
C ALA B 251 -14.19 -27.33 10.08
N VAL B 252 -13.97 -26.19 10.73
CA VAL B 252 -12.81 -26.09 11.61
C VAL B 252 -12.92 -26.85 12.93
N GLU B 253 -14.14 -27.24 13.33
CA GLU B 253 -14.29 -27.98 14.60
C GLU B 253 -13.44 -29.24 14.75
N PRO B 254 -13.43 -30.13 13.75
CA PRO B 254 -12.59 -31.34 13.91
C PRO B 254 -11.13 -31.02 13.88
N ILE B 255 -10.74 -29.94 13.21
CA ILE B 255 -9.34 -29.56 13.17
C ILE B 255 -8.88 -29.06 14.55
N ILE B 256 -9.67 -28.20 15.17
CA ILE B 256 -9.41 -27.72 16.51
C ILE B 256 -9.46 -28.85 17.54
N ALA B 257 -10.39 -29.80 17.40
CA ALA B 257 -10.44 -30.93 18.33
C ALA B 257 -9.16 -31.77 18.25
N ALA B 258 -8.67 -32.03 17.04
CA ALA B 258 -7.40 -32.72 16.86
C ALA B 258 -6.24 -31.92 17.44
N ALA B 259 -6.26 -30.61 17.21
CA ALA B 259 -5.19 -29.73 17.69
C ALA B 259 -5.07 -29.77 19.23
N GLY B 260 -6.21 -29.80 19.90
CA GLY B 260 -6.25 -29.83 21.35
C GLY B 260 -5.51 -31.04 21.93
N GLU B 261 -5.34 -32.10 21.15
CA GLU B 261 -4.61 -33.30 21.59
C GLU B 261 -3.13 -33.33 21.22
N VAL B 262 -2.65 -32.29 20.56
CA VAL B 262 -1.25 -32.24 20.11
C VAL B 262 -0.42 -31.35 21.02
N ASP B 263 0.81 -31.79 21.31
CA ASP B 263 1.72 -31.03 22.15
C ASP B 263 2.41 -29.96 21.30
N ALA B 264 1.65 -28.94 20.90
CA ALA B 264 2.14 -27.79 20.15
C ALA B 264 1.16 -26.68 20.41
N ASP B 265 1.52 -25.44 20.07
CA ASP B 265 0.60 -24.34 20.23
C ASP B 265 0.00 -24.08 18.85
N PHE B 266 -1.25 -23.62 18.82
CA PHE B 266 -1.94 -23.33 17.57
C PHE B 266 -2.50 -21.91 17.59
N VAL B 267 -2.51 -21.24 16.43
CA VAL B 267 -3.14 -19.94 16.31
C VAL B 267 -4.21 -20.03 15.22
N LEU B 268 -5.45 -19.78 15.62
CA LEU B 268 -6.59 -19.83 14.73
C LEU B 268 -6.74 -18.47 14.10
N ALA B 269 -6.64 -18.41 12.77
CA ALA B 269 -6.67 -17.13 12.06
C ALA B 269 -7.75 -17.16 10.98
N LEU B 270 -8.98 -16.89 11.40
CA LEU B 270 -10.11 -16.99 10.50
C LEU B 270 -10.58 -15.61 10.04
N GLY B 271 -9.73 -14.60 10.16
CA GLY B 271 -10.09 -13.30 9.63
C GLY B 271 -11.18 -12.58 10.39
N ASP B 272 -12.14 -12.03 9.66
CA ASP B 272 -13.24 -11.26 10.25
C ASP B 272 -14.40 -12.14 10.73
N LEU B 273 -14.26 -13.45 10.61
CA LEU B 273 -15.36 -14.35 10.92
C LEU B 273 -15.62 -14.42 12.43
N ASP B 274 -16.90 -14.39 12.81
CA ASP B 274 -17.25 -14.55 14.20
C ASP B 274 -17.02 -16.01 14.61
N ILE B 275 -16.17 -16.21 15.62
CA ILE B 275 -15.83 -17.56 16.07
C ILE B 275 -16.58 -18.01 17.33
N SER B 276 -17.57 -17.23 17.74
CA SER B 276 -18.42 -17.64 18.86
C SER B 276 -18.94 -19.08 18.83
N PRO B 277 -19.34 -19.60 17.64
CA PRO B 277 -19.92 -20.95 17.58
C PRO B 277 -18.97 -22.08 17.99
N LEU B 278 -17.68 -21.79 17.99
CA LEU B 278 -16.69 -22.77 18.39
C LEU B 278 -16.68 -22.89 19.91
N GLY B 279 -17.24 -21.87 20.57
CA GLY B 279 -17.23 -21.79 22.01
C GLY B 279 -15.82 -21.77 22.56
N THR B 280 -15.65 -22.28 23.77
CA THR B 280 -14.34 -22.22 24.42
C THR B 280 -13.31 -23.10 23.71
N LEU B 281 -12.19 -22.48 23.35
CA LEU B 281 -11.13 -23.16 22.62
C LEU B 281 -10.24 -23.99 23.54
N PRO B 282 -9.61 -25.03 22.99
CA PRO B 282 -8.65 -25.78 23.81
C PRO B 282 -7.54 -24.87 24.33
N ARG B 283 -6.90 -25.28 25.42
CA ARG B 283 -5.92 -24.44 26.12
C ARG B 283 -4.71 -24.07 25.25
N ASN B 284 -4.39 -24.92 24.30
CA ASN B 284 -3.23 -24.70 23.43
C ASN B 284 -3.62 -24.08 22.07
N VAL B 285 -4.83 -23.53 21.99
CA VAL B 285 -5.29 -22.90 20.75
C VAL B 285 -5.77 -21.49 21.04
N ARG B 286 -5.10 -20.49 20.48
CA ARG B 286 -5.51 -19.10 20.64
C ARG B 286 -6.00 -18.55 19.31
N ALA B 287 -6.86 -17.53 19.34
CA ALA B 287 -7.41 -16.98 18.10
C ALA B 287 -6.95 -15.54 17.88
N VAL B 288 -6.84 -15.16 16.62
CA VAL B 288 -6.55 -13.78 16.25
C VAL B 288 -7.60 -13.31 15.24
N GLY B 289 -7.83 -12.00 15.17
CA GLY B 289 -8.64 -11.47 14.09
C GLY B 289 -7.77 -11.29 12.85
N TRP B 290 -8.24 -10.46 11.94
CA TRP B 290 -7.50 -10.27 10.68
C TRP B 290 -6.04 -9.92 10.96
N THR B 291 -5.13 -10.70 10.36
CA THR B 291 -3.69 -10.47 10.50
C THR B 291 -3.10 -10.87 9.15
N PRO B 292 -2.22 -10.04 8.57
CA PRO B 292 -1.63 -10.49 7.30
C PRO B 292 -0.97 -11.85 7.44
N LEU B 293 -1.25 -12.74 6.51
CA LEU B 293 -0.83 -14.12 6.70
C LEU B 293 0.68 -14.30 6.81
N HIS B 294 1.45 -13.60 5.99
CA HIS B 294 2.90 -13.76 6.03
C HIS B 294 3.46 -13.23 7.37
N THR B 295 2.80 -12.25 7.97
CA THR B 295 3.21 -11.75 9.29
C THR B 295 3.02 -12.84 10.33
N LEU B 296 1.90 -13.55 10.24
CA LEU B 296 1.64 -14.67 11.12
C LEU B 296 2.64 -15.80 10.91
N LEU B 297 2.88 -16.17 9.65
CA LEU B 297 3.66 -17.39 9.37
C LEU B 297 5.15 -17.24 9.65
N ARG B 298 5.62 -16.00 9.80
CA ARG B 298 7.03 -15.73 10.10
C ARG B 298 7.45 -16.47 11.36
N THR B 299 6.50 -16.66 12.27
CA THR B 299 6.83 -17.30 13.54
C THR B 299 6.19 -18.68 13.73
N CYS B 300 5.66 -19.27 12.65
CA CYS B 300 4.97 -20.56 12.72
C CYS B 300 5.82 -21.67 12.13
N THR B 301 5.59 -22.90 12.59
N THR B 301 5.61 -22.91 12.60
CA THR B 301 6.32 -24.06 12.14
CA THR B 301 6.35 -24.05 12.10
C THR B 301 5.61 -24.79 10.98
C THR B 301 5.62 -24.78 10.96
N ALA B 302 4.30 -24.59 10.87
CA ALA B 302 3.49 -25.26 9.87
C ALA B 302 2.15 -24.54 9.78
N VAL B 303 1.37 -24.87 8.75
CA VAL B 303 0.04 -24.26 8.59
C VAL B 303 -0.97 -25.28 8.10
N VAL B 304 -2.16 -25.26 8.70
CA VAL B 304 -3.29 -26.07 8.28
C VAL B 304 -4.26 -25.08 7.63
N HIS B 305 -4.70 -25.38 6.40
CA HIS B 305 -5.61 -24.48 5.72
C HIS B 305 -6.48 -25.25 4.74
N HIS B 306 -7.17 -24.53 3.88
CA HIS B 306 -8.21 -25.15 3.05
C HIS B 306 -7.72 -25.48 1.64
N GLY B 307 -6.59 -24.90 1.23
CA GLY B 307 -6.12 -25.12 -0.13
C GLY B 307 -6.19 -23.92 -1.06
N GLY B 308 -6.50 -22.73 -0.49
CA GLY B 308 -6.50 -21.51 -1.29
C GLY B 308 -5.13 -21.24 -1.86
N GLY B 309 -5.08 -20.82 -3.12
CA GLY B 309 -3.81 -20.61 -3.83
C GLY B 309 -2.90 -19.57 -3.16
N GLY B 310 -3.50 -18.50 -2.65
CA GLY B 310 -2.72 -17.46 -2.02
C GLY B 310 -2.09 -18.04 -0.73
N THR B 311 -2.85 -18.86 -0.01
CA THR B 311 -2.35 -19.45 1.24
C THR B 311 -1.27 -20.49 0.93
N VAL B 312 -1.46 -21.30 -0.11
CA VAL B 312 -0.43 -22.24 -0.53
C VAL B 312 0.87 -21.49 -0.82
N MET B 313 0.77 -20.43 -1.63
CA MET B 313 1.99 -19.69 -1.98
C MET B 313 2.65 -18.95 -0.83
N THR B 314 1.86 -18.44 0.10
CA THR B 314 2.41 -17.74 1.24
C THR B 314 3.12 -18.75 2.20
N ALA B 315 2.60 -19.97 2.26
CA ALA B 315 3.25 -21.01 3.08
C ALA B 315 4.59 -21.36 2.45
N ILE B 316 4.60 -21.46 1.13
CA ILE B 316 5.87 -21.68 0.42
C ILE B 316 6.86 -20.53 0.69
N ASP B 317 6.40 -19.27 0.63
CA ASP B 317 7.30 -18.15 0.87
C ASP B 317 7.86 -18.22 2.29
N ALA B 318 7.08 -18.76 3.24
CA ALA B 318 7.53 -18.93 4.62
C ALA B 318 8.46 -20.14 4.77
N GLY B 319 8.51 -21.01 3.77
CA GLY B 319 9.32 -22.20 3.87
C GLY B 319 8.80 -23.22 4.87
N ILE B 320 7.49 -23.33 5.05
CA ILE B 320 6.95 -24.29 6.04
C ILE B 320 5.97 -25.28 5.45
N PRO B 321 5.90 -26.47 6.06
CA PRO B 321 4.98 -27.50 5.58
C PRO B 321 3.53 -27.05 5.77
N GLN B 322 2.66 -27.58 4.91
CA GLN B 322 1.24 -27.18 4.96
C GLN B 322 0.37 -28.43 4.84
N LEU B 323 -0.81 -28.38 5.48
CA LEU B 323 -1.81 -29.42 5.35
C LEU B 323 -3.04 -28.76 4.75
N LEU B 324 -3.54 -29.31 3.64
CA LEU B 324 -4.73 -28.80 2.97
C LEU B 324 -5.90 -29.70 3.38
N ALA B 325 -6.81 -29.16 4.20
CA ALA B 325 -7.94 -29.93 4.75
C ALA B 325 -9.24 -29.10 4.69
N PRO B 326 -9.74 -28.88 3.47
CA PRO B 326 -10.96 -28.07 3.29
C PRO B 326 -12.20 -28.82 3.78
N ASP B 327 -13.27 -28.08 4.00
CA ASP B 327 -14.60 -28.69 4.14
C ASP B 327 -14.76 -29.63 2.96
N PRO B 328 -15.22 -30.88 3.22
CA PRO B 328 -15.32 -31.83 2.11
C PRO B 328 -16.33 -31.47 1.03
N ARG B 329 -17.16 -30.45 1.26
CA ARG B 329 -18.14 -29.99 0.27
C ARG B 329 -17.61 -28.93 -0.70
N ASP B 330 -16.48 -28.30 -0.35
CA ASP B 330 -15.96 -27.18 -1.09
C ASP B 330 -15.23 -27.68 -2.34
N GLN B 331 -15.68 -27.21 -3.50
CA GLN B 331 -15.16 -27.74 -4.75
C GLN B 331 -14.08 -26.87 -5.37
N PHE B 332 -13.78 -25.72 -4.76
CA PHE B 332 -12.88 -24.74 -5.36
C PHE B 332 -11.46 -24.73 -4.82
N GLN B 333 -11.10 -25.77 -4.08
CA GLN B 333 -9.75 -25.83 -3.50
C GLN B 333 -8.95 -27.03 -4.00
N HIS B 334 -9.19 -27.48 -5.21
CA HIS B 334 -8.62 -28.76 -5.61
C HIS B 334 -7.28 -28.66 -6.32
N THR B 335 -7.03 -27.52 -6.98
CA THR B 335 -5.99 -27.54 -8.02
C THR B 335 -4.54 -27.61 -7.52
N ALA B 336 -4.29 -27.25 -6.26
CA ALA B 336 -2.94 -27.36 -5.72
C ALA B 336 -2.68 -28.74 -5.11
N ARG B 337 -3.72 -29.58 -4.94
CA ARG B 337 -3.57 -30.77 -4.06
C ARG B 337 -2.58 -31.79 -4.56
N GLU B 338 -2.70 -32.13 -5.85
CA GLU B 338 -1.84 -33.14 -6.43
C GLU B 338 -0.38 -32.69 -6.34
N ALA B 339 -0.14 -31.42 -6.69
CA ALA B 339 1.22 -30.88 -6.63
C ALA B 339 1.80 -30.84 -5.23
N VAL B 340 1.00 -30.44 -4.24
CA VAL B 340 1.49 -30.40 -2.87
C VAL B 340 1.96 -31.80 -2.45
N SER B 341 1.16 -32.80 -2.79
CA SER B 341 1.50 -34.15 -2.40
C SER B 341 2.71 -34.68 -3.18
N ARG B 342 2.65 -34.60 -4.52
CA ARG B 342 3.75 -35.12 -5.37
C ARG B 342 5.09 -34.44 -5.11
N ARG B 343 5.08 -33.14 -4.88
CA ARG B 343 6.36 -32.47 -4.62
C ARG B 343 6.82 -32.62 -3.17
N GLY B 344 5.95 -33.16 -2.32
CA GLY B 344 6.31 -33.44 -0.94
C GLY B 344 6.37 -32.24 0.00
N ILE B 345 5.68 -31.15 -0.36
CA ILE B 345 5.74 -29.94 0.47
C ILE B 345 4.58 -29.86 1.47
N GLY B 346 3.68 -30.82 1.41
CA GLY B 346 2.59 -30.83 2.37
C GLY B 346 1.78 -32.10 2.32
N LEU B 347 0.72 -32.11 3.11
CA LEU B 347 -0.21 -33.23 3.17
C LEU B 347 -1.58 -32.74 2.70
N VAL B 348 -2.40 -33.65 2.18
CA VAL B 348 -3.75 -33.28 1.74
C VAL B 348 -4.81 -34.23 2.34
N SER B 349 -5.90 -33.66 2.85
CA SER B 349 -6.96 -34.44 3.51
C SER B 349 -8.25 -33.63 3.34
N THR B 350 -9.20 -33.83 4.25
CA THR B 350 -10.35 -32.92 4.33
C THR B 350 -10.57 -32.68 5.81
N SER B 351 -11.30 -31.62 6.15
CA SER B 351 -11.43 -31.19 7.54
C SER B 351 -11.96 -32.29 8.47
N ASP B 352 -12.96 -33.01 7.98
CA ASP B 352 -13.63 -34.02 8.78
C ASP B 352 -12.75 -35.25 9.05
N LYS B 353 -11.62 -35.36 8.33
CA LYS B 353 -10.70 -36.52 8.48
C LYS B 353 -9.39 -36.22 9.19
N VAL B 354 -9.19 -34.96 9.62
CA VAL B 354 -7.98 -34.58 10.33
C VAL B 354 -8.01 -35.15 11.75
N ASP B 355 -6.93 -35.83 12.14
CA ASP B 355 -6.81 -36.23 13.53
C ASP B 355 -5.46 -35.84 14.08
N ALA B 356 -5.27 -36.09 15.37
CA ALA B 356 -4.01 -35.70 16.00
C ALA B 356 -2.78 -36.32 15.32
N ASP B 357 -2.85 -37.55 14.85
CA ASP B 357 -1.70 -38.19 14.20
C ASP B 357 -1.33 -37.46 12.91
N LEU B 358 -2.33 -36.97 12.20
CA LEU B 358 -2.03 -36.24 10.96
C LEU B 358 -1.31 -34.94 11.26
N LEU B 359 -1.77 -34.22 12.28
CA LEU B 359 -1.10 -33.00 12.72
C LEU B 359 0.34 -33.26 13.24
N ARG B 360 0.54 -34.36 13.98
CA ARG B 360 1.90 -34.69 14.42
C ARG B 360 2.82 -34.99 13.24
N ARG B 361 2.27 -35.65 12.22
CA ARG B 361 3.03 -35.91 11.00
C ARG B 361 3.40 -34.62 10.29
N LEU B 362 2.44 -33.71 10.21
CA LEU B 362 2.71 -32.40 9.62
C LEU B 362 3.90 -31.68 10.26
N ILE B 363 3.94 -31.66 11.59
CA ILE B 363 4.94 -30.92 12.35
C ILE B 363 6.22 -31.73 12.49
N GLY B 364 6.14 -33.04 12.28
CA GLY B 364 7.26 -33.90 12.62
C GLY B 364 8.11 -34.39 11.46
N ASP B 365 7.51 -34.54 10.29
CA ASP B 365 8.22 -35.03 9.10
C ASP B 365 9.14 -33.97 8.47
N GLU B 366 10.43 -34.07 8.73
CA GLU B 366 11.39 -33.08 8.25
C GLU B 366 11.42 -32.97 6.72
N SER B 367 11.03 -34.05 6.04
CA SER B 367 11.11 -34.08 4.60
C SER B 367 10.12 -33.09 3.99
N LEU B 368 9.05 -32.81 4.72
CA LEU B 368 8.08 -31.80 4.25
C LEU B 368 8.72 -30.42 4.28
N ARG B 369 9.47 -30.13 5.33
CA ARG B 369 10.09 -28.82 5.52
C ARG B 369 11.22 -28.66 4.51
N THR B 370 11.98 -29.73 4.30
CA THR B 370 13.04 -29.74 3.30
C THR B 370 12.52 -29.42 1.90
N ALA B 371 11.47 -30.13 1.49
CA ALA B 371 10.84 -29.92 0.20
C ALA B 371 10.25 -28.50 0.07
N ALA B 372 9.58 -28.01 1.11
CA ALA B 372 9.04 -26.64 1.09
C ALA B 372 10.16 -25.61 0.87
N ARG B 373 11.30 -25.82 1.51
CA ARG B 373 12.39 -24.86 1.40
C ARG B 373 12.97 -24.91 -0.01
N GLU B 374 13.03 -26.11 -0.60
CA GLU B 374 13.48 -26.26 -1.98
C GLU B 374 12.56 -25.57 -2.98
N VAL B 375 11.25 -25.81 -2.87
CA VAL B 375 10.30 -25.10 -3.74
C VAL B 375 10.37 -23.58 -3.52
N ARG B 376 10.53 -23.13 -2.28
CA ARG B 376 10.74 -21.71 -2.05
C ARG B 376 11.95 -21.14 -2.80
N GLU B 377 13.07 -21.85 -2.74
CA GLU B 377 14.25 -21.44 -3.51
C GLU B 377 13.97 -21.26 -4.99
N GLU B 378 13.23 -22.18 -5.58
CA GLU B 378 12.83 -22.05 -6.98
C GLU B 378 11.97 -20.80 -7.19
N MET B 379 11.00 -20.60 -6.30
CA MET B 379 10.03 -19.52 -6.42
C MET B 379 10.71 -18.15 -6.33
N VAL B 380 11.62 -18.00 -5.39
CA VAL B 380 12.18 -16.67 -5.13
C VAL B 380 13.19 -16.25 -6.19
N ALA B 381 13.57 -17.15 -7.09
CA ALA B 381 14.44 -16.80 -8.22
C ALA B 381 13.66 -16.36 -9.45
N LEU B 382 12.34 -16.43 -9.39
CA LEU B 382 11.51 -16.04 -10.52
C LEU B 382 11.48 -14.50 -10.64
N PRO B 383 11.07 -13.98 -11.81
CA PRO B 383 11.02 -12.50 -11.98
C PRO B 383 10.11 -11.85 -10.93
N THR B 384 10.57 -10.72 -10.38
CA THR B 384 9.76 -10.05 -9.40
C THR B 384 8.56 -9.34 -10.06
N PRO B 385 7.61 -8.90 -9.22
CA PRO B 385 6.55 -8.01 -9.74
C PRO B 385 7.16 -6.77 -10.42
N ALA B 386 8.21 -6.18 -9.88
CA ALA B 386 8.82 -5.03 -10.55
C ALA B 386 9.35 -5.38 -11.94
N GLU B 387 10.03 -6.53 -12.03
CA GLU B 387 10.55 -6.94 -13.33
C GLU B 387 9.38 -7.24 -14.27
N THR B 388 8.29 -7.78 -13.73
CA THR B 388 7.16 -8.17 -14.57
C THR B 388 6.47 -6.91 -15.14
N VAL B 389 6.41 -5.84 -14.34
CA VAL B 389 5.89 -4.60 -14.87
C VAL B 389 6.68 -4.16 -16.12
N ARG B 390 8.01 -4.23 -16.07
CA ARG B 390 8.82 -3.89 -17.26
C ARG B 390 8.50 -4.83 -18.44
N ARG B 391 8.33 -6.12 -18.16
CA ARG B 391 7.96 -7.08 -19.21
C ARG B 391 6.64 -6.69 -19.89
N ILE B 392 5.64 -6.34 -19.08
CA ILE B 392 4.35 -5.96 -19.63
C ILE B 392 4.47 -4.72 -20.49
N VAL B 393 5.15 -3.70 -19.97
CA VAL B 393 5.29 -2.44 -20.72
C VAL B 393 6.00 -2.71 -22.07
N GLU B 394 7.02 -3.55 -22.05
CA GLU B 394 7.71 -3.95 -23.27
C GLU B 394 6.77 -4.60 -24.27
N ARG B 395 5.98 -5.55 -23.79
CA ARG B 395 5.06 -6.32 -24.62
C ARG B 395 4.01 -5.44 -25.30
N ILE B 396 3.55 -4.40 -24.61
CA ILE B 396 2.48 -3.56 -25.18
C ILE B 396 3.05 -2.33 -25.91
N SER B 397 4.36 -2.18 -25.87
CA SER B 397 5.03 -1.02 -26.46
C SER B 397 5.72 -1.41 -27.75
PA TYD C . 3.54 18.17 3.75
O1A TYD C . 2.75 18.95 2.77
O2A TYD C . 4.95 17.90 3.41
O3A TYD C . 3.40 19.05 5.10
PB TYD C . 3.35 18.73 6.68
O1B TYD C . 4.57 17.92 7.04
O2B TYD C . 3.44 20.14 7.15
O3B TYD C . 2.08 18.06 6.98
O5' TYD C . 2.86 16.76 4.00
C5' TYD C . 1.43 16.57 4.10
C4' TYD C . 1.14 15.31 3.32
O4' TYD C . -0.19 14.89 3.69
C3' TYD C . 1.09 15.59 1.82
O3' TYD C . 1.53 14.39 1.16
C2' TYD C . -0.39 15.78 1.49
C1' TYD C . -0.96 14.78 2.48
N1 TYD C . -2.38 15.01 2.86
C2 TYD C . -3.37 14.21 2.29
O2 TYD C . -3.05 13.38 1.40
N3 TYD C . -4.66 14.40 2.60
C4 TYD C . -5.02 15.29 3.52
O4 TYD C . -6.24 15.37 3.83
C5 TYD C . -4.01 16.13 4.17
C5M TYD C . -4.38 17.17 5.21
C6 TYD C . -2.68 15.93 3.79
C1 C0T D . 9.38 20.85 14.08
N1 C0T D . 7.38 21.35 13.19
O1 C0T D . 9.16 21.65 14.92
S1 C0T D . 12.77 20.05 9.23
C2 C0T D . 8.49 20.69 12.95
N2 C0T D . 7.74 19.03 4.11
O2 C0T D . 6.73 22.36 11.38
S2 C0T D . 13.80 18.28 9.20
C3 C0T D . 8.83 19.96 11.91
O3 C0T D . 5.56 22.80 13.11
S3 C0T D . 13.59 17.48 7.32
C4 C0T D . 10.14 19.33 11.94
O4 C0T D . 11.71 18.23 13.48
C5 C0T D . 10.42 18.80 13.32
O5 C0T D . 8.34 19.80 9.45
C6 C0T D . 10.53 19.96 14.26
O6 C0T D . 8.70 18.59 3.47
C7 C0T D . 6.63 22.13 12.50
O7 C0T D . 8.41 18.47 7.62
C8 C0T D . 4.67 23.36 12.22
O8 C0T D . 5.99 21.10 8.07
C9 C0T D . 9.46 17.75 13.63
O9 C0T D . 7.08 21.55 5.44
C10 C0T D . 8.59 17.01 13.73
C11 C0T D . 7.37 16.26 13.59
C12 C0T D . 6.48 16.60 12.67
C13 C0T D . 6.72 17.69 11.84
C14 C0T D . 7.16 18.59 11.31
C15 C0T D . 7.90 19.70 10.79
C16 C0T D . 11.07 19.16 11.01
C17 C0T D . 11.09 19.59 9.59
C18 C0T D . 14.95 18.12 6.45
C19 C0T D . 7.55 19.31 8.38
C20 C0T D . 7.17 20.54 7.56
C21 C0T D . 6.95 20.32 6.05
C22 C0T D . 7.96 19.37 5.49
C23 C0T D . 7.91 18.14 6.37
C24 C0T D . 8.80 17.05 5.83
CL CL E . -1.55 12.36 -2.37
PA TYD F . -6.65 -17.70 -0.75
O1A TYD F . -5.83 -18.50 0.21
O2A TYD F . -6.29 -17.76 -2.16
O3A TYD F . -8.12 -18.30 -0.51
PB TYD F . -9.67 -17.76 -0.59
O1B TYD F . -9.81 -16.86 0.58
O2B TYD F . -9.91 -17.13 -1.90
O3B TYD F . -10.33 -19.10 -0.44
O5' TYD F . -6.67 -16.15 -0.35
C5' TYD F . -6.74 -15.76 1.03
C4' TYD F . -5.80 -14.57 1.16
O4' TYD F . -6.17 -13.88 2.37
C3' TYD F . -4.35 -15.04 1.31
O3' TYD F . -3.55 -14.05 0.66
C2' TYD F . -4.11 -15.01 2.82
C1' TYD F . -4.96 -13.81 3.19
N1 TYD F . -5.39 -13.74 4.61
C2 TYD F . -4.68 -12.88 5.49
O2 TYD F . -3.67 -12.27 5.03
N3 TYD F . -5.06 -12.78 6.77
C4 TYD F . -6.12 -13.42 7.28
O4 TYD F . -6.45 -13.24 8.46
C5 TYD F . -6.88 -14.33 6.39
C5M TYD F . -8.09 -15.07 6.92
C6 TYD F . -6.46 -14.42 5.07
C1 C0T G . -17.27 -19.70 -6.36
N1 C0T G . -16.40 -20.13 -4.29
O1 C0T G . -18.24 -20.27 -6.05
S1 C0T G . -12.38 -20.18 -9.74
C2 C0T G . -16.11 -19.64 -5.49
N2 C0T G . -7.16 -19.19 -4.70
O2 C0T G . -14.65 -21.05 -3.36
S2 C0T G . -12.10 -18.69 -11.05
C3 C0T G . -14.98 -19.08 -5.92
O3 C0T G . -16.47 -21.20 -2.21
S3 C0T G . -10.12 -18.14 -10.95
C4 C0T G . -14.94 -18.61 -7.32
O4 C0T G . -16.29 -17.54 -9.01
C5 C0T G . -16.23 -17.95 -7.68
O5 C0T G . -12.55 -19.16 -5.38
C6 C0T G . -17.34 -18.96 -7.63
O6 C0T G . -6.46 -19.07 -5.69
C7 C0T G . -15.78 -20.77 -3.37
O7 C0T G . -10.54 -18.19 -5.57
C8 C0T G . -15.62 -21.58 -1.18
O8 C0T G . -11.38 -20.28 -2.76
C9 C0T G . -16.36 -16.72 -6.91
O9 C0T G . -8.88 -21.32 -3.72
C10 C0T G . -16.32 -15.83 -6.20
C11 C0T G . -16.05 -14.91 -5.12
C12 C0T G . -15.19 -15.24 -4.18
C13 C0T G . -14.55 -16.48 -4.21
C14 C0T G . -14.18 -17.50 -4.48
C15 C0T G . -13.86 -18.80 -5.01
C16 C0T G . -14.01 -18.71 -8.24
C17 C0T G . -12.68 -19.37 -8.16
C18 C0T G . -9.37 -19.29 -12.04
C19 C0T G . -11.42 -18.76 -4.64
C20 C0T G . -10.79 -20.00 -3.99
C21 C0T G . -9.28 -20.01 -3.85
C22 C0T G . -8.58 -19.32 -4.99
C23 C0T G . -9.22 -17.96 -5.14
C24 C0T G . -8.62 -17.16 -6.26
CL CL H . 0.23 -12.12 3.47
#